data_7XBN
#
_entry.id   7XBN
#
_cell.length_a   59.823
_cell.length_b   108.903
_cell.length_c   152.630
_cell.angle_alpha   90.000
_cell.angle_beta   90.000
_cell.angle_gamma   90.000
#
_symmetry.space_group_name_H-M   'P 21 21 21'
#
loop_
_entity.id
_entity.type
_entity.pdbx_description
1 polymer 'Cytochrome P450 monooxygenase PikC'
2 non-polymer 'PROTOPORPHYRIN IX CONTAINING FE'
3 non-polymer 4-{[4-(DIMETHYLAMINO)-3-HYDROXY-6-METHYLTETRAHYDRO-2H-PYRAN-2-YL]OXY}-12-ETHYL-3,5,7,11-TETRAMETHYLOXACYCLODODEC-9-ENE-2,8-DIONE
4 non-polymer GLYCEROL
5 non-polymer DI(HYDROXYETHYL)ETHER
6 water water
#
_entity_poly.entity_id   1
_entity_poly.type   'polypeptide(L)'
_entity_poly.pdbx_seq_one_letter_code
;MGSSHHHHHHSSGLVPRGSHMRRTQQGTTASPPVLDLGALGQDFAADPYPTYARLRAEGPAHRVRTPEGDEVWLVVGYDR
ARAVLADPRFSKDWRNSTTPLTEAEAALNHNMLESDPPRHTRLRKLVAREFTMRRVELLRPRVQEIVDGLVDAMLAAPDG
RADLMESLAWPLPITVISELLGVPEPDRAAFRVWTDAFVFPDDPAQAQTAMAEMSGYLSRLIDSKRGQDGEDLLSALVRT
SDEDGSRLTSEELLGMA(4AF)ILLVAGHETTVNLIANGMYALLSHPDQLAALRADMTLLDGAVEEMLRYEGPVESATYR
FPVEPVDLDGTVIPAGDTVLVVLADAHRTPERFPDPHRFDIRRDTAGHLAFGHGIHFCIGAPLARLEARIAVRALLERCP
DLALDVSPGELVWYPNPMIRGLKALPIRWRRGREAGRRTGLEHHHHHH
;
_entity_poly.pdbx_strand_id   A,B
#
loop_
_chem_comp.id
_chem_comp.type
_chem_comp.name
_chem_comp.formula
GOL non-polymer GLYCEROL 'C3 H8 O3'
HEM non-polymer 'PROTOPORPHYRIN IX CONTAINING FE' 'C34 H32 Fe N4 O4'
PEG non-polymer DI(HYDROXYETHYL)ETHER 'C4 H10 O3'
PXI non-polymer 4-{[4-(DIMETHYLAMINO)-3-HYDROXY-6-METHYLTETRAHYDRO-2H-PYRAN-2-YL]OXY}-12-ETHYL-3,5,7,11-TETRAMETHYLOXACYCLODODEC-9-ENE-2,8-DIONE 'C25 H43 N O6'
#
# COMPACT_ATOMS: atom_id res chain seq x y z
N VAL A 34 6.15 18.34 23.83
CA VAL A 34 4.96 17.51 23.72
C VAL A 34 4.69 17.25 22.24
N LEU A 35 4.80 15.99 21.83
CA LEU A 35 4.55 15.61 20.44
C LEU A 35 3.05 15.56 20.18
N ASP A 36 2.60 16.33 19.19
CA ASP A 36 1.19 16.36 18.81
C ASP A 36 0.93 15.24 17.82
N LEU A 37 0.21 14.21 18.25
CA LEU A 37 -0.13 13.11 17.37
C LEU A 37 -1.27 13.46 16.41
N GLY A 38 -2.13 14.41 16.78
CA GLY A 38 -3.21 14.79 15.90
C GLY A 38 -2.75 15.51 14.65
N ALA A 39 -1.61 16.20 14.73
CA ALA A 39 -1.07 16.89 13.57
C ALA A 39 -0.50 15.94 12.52
N LEU A 40 -0.42 14.65 12.83
CA LEU A 40 0.14 13.68 11.88
C LEU A 40 -0.89 13.14 10.90
N GLY A 41 -2.18 13.20 11.25
CA GLY A 41 -3.22 12.82 10.32
C GLY A 41 -3.44 11.32 10.22
N GLN A 42 -4.14 10.94 9.14
CA GLN A 42 -4.47 9.53 8.92
C GLN A 42 -3.22 8.69 8.69
N ASP A 43 -2.13 9.31 8.21
CA ASP A 43 -0.88 8.57 8.04
C ASP A 43 -0.44 7.93 9.35
N PHE A 44 -0.58 8.65 10.47
CA PHE A 44 -0.29 8.05 11.76
C PHE A 44 -1.33 7.00 12.14
N ALA A 45 -2.59 7.20 11.75
CA ALA A 45 -3.62 6.21 12.06
C ALA A 45 -3.39 4.93 11.26
N ALA A 46 -2.96 5.05 10.00
CA ALA A 46 -2.75 3.87 9.18
C ALA A 46 -1.43 3.19 9.49
N ASP A 47 -0.38 3.96 9.78
CA ASP A 47 0.95 3.42 10.03
C ASP A 47 1.60 4.19 11.17
N PRO A 48 1.23 3.88 12.42
CA PRO A 48 1.82 4.58 13.56
C PRO A 48 3.19 4.07 13.95
N TYR A 49 3.63 2.94 13.40
CA TYR A 49 4.85 2.29 13.87
C TYR A 49 6.11 3.14 13.69
N PRO A 50 6.35 3.82 12.56
CA PRO A 50 7.55 4.67 12.48
C PRO A 50 7.58 5.77 13.52
N THR A 51 6.43 6.34 13.88
CA THR A 51 6.39 7.36 14.91
C THR A 51 6.79 6.79 16.27
N TYR A 52 6.25 5.62 16.62
CA TYR A 52 6.61 4.98 17.88
C TYR A 52 8.09 4.60 17.90
N ALA A 53 8.60 4.07 16.79
CA ALA A 53 10.00 3.64 16.73
C ALA A 53 10.95 4.82 16.88
N ARG A 54 10.60 5.98 16.29
CA ARG A 54 11.42 7.17 16.46
C ARG A 54 11.46 7.60 17.92
N LEU A 55 10.34 7.46 18.63
CA LEU A 55 10.33 7.79 20.05
C LEU A 55 11.16 6.80 20.86
N ARG A 56 11.07 5.51 20.53
CA ARG A 56 11.80 4.49 21.29
C ARG A 56 13.30 4.69 21.19
N ALA A 57 13.79 5.20 20.05
CA ALA A 57 15.22 5.47 19.92
C ALA A 57 15.66 6.57 20.88
N GLU A 58 14.76 7.49 21.24
CA GLU A 58 15.11 8.57 22.14
C GLU A 58 14.99 8.15 23.60
N GLY A 59 13.98 7.38 23.93
CA GLY A 59 13.77 6.95 25.30
C GLY A 59 12.51 6.12 25.46
N PRO A 60 12.25 5.65 26.69
CA PRO A 60 11.08 4.79 26.91
C PRO A 60 9.79 5.54 27.19
N ALA A 61 9.87 6.75 27.73
CA ALA A 61 8.69 7.52 28.12
C ALA A 61 8.66 8.86 27.39
N HIS A 62 7.47 9.23 26.90
CA HIS A 62 7.34 10.44 26.08
C HIS A 62 5.98 11.09 26.32
N ARG A 63 5.98 12.40 26.52
CA ARG A 63 4.76 13.17 26.62
C ARG A 63 4.20 13.44 25.23
N VAL A 64 2.94 13.08 25.01
CA VAL A 64 2.28 13.28 23.72
C VAL A 64 0.91 13.90 23.96
N ARG A 65 0.30 14.34 22.87
CA ARG A 65 -1.08 14.82 22.84
C ARG A 65 -1.84 13.99 21.83
N THR A 66 -2.88 13.29 22.29
CA THR A 66 -3.66 12.43 21.42
C THR A 66 -4.40 13.27 20.38
N PRO A 67 -4.81 12.64 19.27
CA PRO A 67 -5.62 13.37 18.28
C PRO A 67 -6.88 13.97 18.87
N GLU A 68 -7.42 13.40 19.94
CA GLU A 68 -8.59 13.96 20.60
C GLU A 68 -8.25 15.14 21.51
N GLY A 69 -6.98 15.32 21.85
CA GLY A 69 -6.54 16.44 22.64
C GLY A 69 -6.12 16.13 24.07
N ASP A 70 -5.94 14.87 24.43
CA ASP A 70 -5.54 14.49 25.78
C ASP A 70 -4.02 14.40 25.87
N GLU A 71 -3.46 14.98 26.94
CA GLU A 71 -2.03 14.94 27.18
C GLU A 71 -1.72 13.73 28.06
N VAL A 72 -1.03 12.75 27.49
CA VAL A 72 -0.73 11.49 28.17
C VAL A 72 0.73 11.14 27.95
N TRP A 73 1.18 10.11 28.66
CA TRP A 73 2.52 9.56 28.50
C TRP A 73 2.46 8.28 27.68
N LEU A 74 3.46 8.09 26.82
CA LEU A 74 3.60 6.87 26.04
C LEU A 74 4.82 6.12 26.52
N VAL A 75 4.64 4.83 26.83
CA VAL A 75 5.74 3.93 27.17
C VAL A 75 5.99 3.03 25.98
N VAL A 76 7.20 3.12 25.41
CA VAL A 76 7.56 2.39 24.21
C VAL A 76 8.74 1.46 24.53
N GLY A 77 8.97 0.50 23.64
CA GLY A 77 10.00 -0.49 23.83
C GLY A 77 9.50 -1.71 24.55
N TYR A 78 9.81 -2.91 24.04
CA TYR A 78 9.21 -4.13 24.57
C TYR A 78 9.53 -4.32 26.05
N ASP A 79 10.82 -4.26 26.40
CA ASP A 79 11.23 -4.54 27.78
C ASP A 79 10.54 -3.58 28.75
N ARG A 80 10.49 -2.30 28.42
CA ARG A 80 9.84 -1.34 29.29
C ARG A 80 8.32 -1.53 29.28
N ALA A 81 7.76 -1.87 28.11
CA ALA A 81 6.32 -2.08 28.02
C ALA A 81 5.87 -3.24 28.89
N ARG A 82 6.55 -4.38 28.78
CA ARG A 82 6.17 -5.55 29.56
C ARG A 82 6.32 -5.30 31.05
N ALA A 83 7.34 -4.53 31.45
CA ALA A 83 7.58 -4.28 32.87
C ALA A 83 6.52 -3.35 33.45
N VAL A 84 6.13 -2.32 32.71
CA VAL A 84 5.16 -1.36 33.24
C VAL A 84 3.78 -2.01 33.35
N LEU A 85 3.45 -2.93 32.44
CA LEU A 85 2.14 -3.58 32.48
C LEU A 85 1.91 -4.32 33.80
N ALA A 86 2.96 -4.89 34.38
CA ALA A 86 2.85 -5.65 35.63
C ALA A 86 3.42 -4.91 36.83
N ASP A 87 3.81 -3.65 36.66
CA ASP A 87 4.41 -2.89 37.75
C ASP A 87 3.32 -2.34 38.67
N PRO A 88 3.28 -2.76 39.95
CA PRO A 88 2.25 -2.23 40.86
C PRO A 88 2.38 -0.74 41.12
N ARG A 89 3.53 -0.13 40.81
CA ARG A 89 3.67 1.31 40.93
C ARG A 89 2.73 2.05 39.98
N PHE A 90 2.28 1.41 38.91
CA PHE A 90 1.38 2.01 37.94
C PHE A 90 -0.03 1.47 38.21
N SER A 91 -0.84 2.29 38.88
CA SER A 91 -2.17 1.86 39.30
C SER A 91 -3.17 2.01 38.17
N LYS A 92 -4.27 1.27 38.29
CA LYS A 92 -5.40 1.41 37.38
C LYS A 92 -6.64 1.94 38.08
N ASP A 93 -6.54 2.25 39.37
CA ASP A 93 -7.64 2.87 40.11
C ASP A 93 -7.64 4.37 39.86
N TRP A 94 -8.79 4.90 39.44
CA TRP A 94 -8.87 6.32 39.12
C TRP A 94 -8.77 7.23 40.33
N ARG A 95 -8.88 6.68 41.55
CA ARG A 95 -8.59 7.47 42.74
C ARG A 95 -7.15 7.93 42.78
N ASN A 96 -6.26 7.25 42.06
CA ASN A 96 -4.86 7.64 41.97
C ASN A 96 -4.58 8.56 40.77
N SER A 97 -5.60 8.91 40.00
CA SER A 97 -5.44 9.74 38.82
C SER A 97 -5.86 11.18 39.12
N THR A 98 -5.15 12.13 38.52
CA THR A 98 -5.53 13.53 38.60
C THR A 98 -6.48 13.94 37.49
N THR A 99 -6.83 13.03 36.58
CA THR A 99 -7.79 13.32 35.53
C THR A 99 -9.20 13.22 36.07
N PRO A 100 -10.06 14.22 35.83
CA PRO A 100 -11.44 14.14 36.31
C PRO A 100 -12.29 13.23 35.45
N LEU A 101 -13.24 12.58 36.09
CA LEU A 101 -14.20 11.71 35.43
C LEU A 101 -15.56 12.38 35.39
N THR A 102 -16.24 12.28 34.25
CA THR A 102 -17.62 12.72 34.18
C THR A 102 -18.52 11.75 34.93
N GLU A 103 -19.77 12.18 35.16
CA GLU A 103 -20.71 11.33 35.87
C GLU A 103 -21.00 10.04 35.10
N ALA A 104 -21.07 10.14 33.77
CA ALA A 104 -21.31 8.94 32.96
C ALA A 104 -20.12 7.99 33.03
N GLU A 105 -18.91 8.53 33.07
CA GLU A 105 -17.72 7.69 33.11
C GLU A 105 -17.59 6.97 34.45
N ALA A 106 -17.85 7.68 35.55
CA ALA A 106 -17.70 7.09 36.86
C ALA A 106 -18.72 5.99 37.13
N ALA A 107 -19.87 6.04 36.45
CA ALA A 107 -20.91 5.04 36.69
C ALA A 107 -20.49 3.66 36.21
N LEU A 108 -19.59 3.59 35.23
CA LEU A 108 -19.12 2.33 34.68
C LEU A 108 -17.70 2.00 35.12
N ASN A 109 -17.17 2.74 36.09
CA ASN A 109 -15.76 2.65 36.46
C ASN A 109 -15.45 1.53 37.45
N HIS A 110 -16.48 0.97 38.11
CA HIS A 110 -16.26 -0.02 39.16
C HIS A 110 -16.17 -1.42 38.53
N ASN A 111 -15.10 -1.64 37.78
CA ASN A 111 -14.85 -2.91 37.12
C ASN A 111 -13.41 -3.33 37.38
N MET A 112 -13.13 -4.61 37.10
CA MET A 112 -11.84 -5.18 37.46
C MET A 112 -10.68 -4.54 36.69
N LEU A 113 -10.91 -4.11 35.45
CA LEU A 113 -9.82 -3.53 34.67
C LEU A 113 -9.41 -2.17 35.22
N GLU A 114 -10.32 -1.47 35.88
CA GLU A 114 -9.98 -0.17 36.46
C GLU A 114 -9.94 -0.28 37.98
N SER A 115 -9.22 -1.28 38.46
CA SER A 115 -9.08 -1.53 39.89
C SER A 115 -7.70 -2.12 40.17
N ASP A 116 -7.27 -1.96 41.42
CA ASP A 116 -6.09 -2.60 41.96
C ASP A 116 -6.49 -3.65 42.99
N PRO A 117 -5.57 -4.51 43.42
CA PRO A 117 -5.83 -5.32 44.60
C PRO A 117 -6.08 -4.42 45.79
N PRO A 118 -6.97 -4.82 46.71
CA PRO A 118 -7.67 -6.11 46.72
C PRO A 118 -8.99 -6.14 45.95
N ARG A 119 -9.47 -4.98 45.47
CA ARG A 119 -10.73 -4.98 44.74
C ARG A 119 -10.63 -5.78 43.45
N HIS A 120 -9.53 -5.64 42.72
CA HIS A 120 -9.37 -6.41 41.49
C HIS A 120 -9.38 -7.90 41.77
N THR A 121 -8.70 -8.33 42.83
CA THR A 121 -8.66 -9.74 43.19
C THR A 121 -10.05 -10.28 43.45
N ARG A 122 -10.85 -9.53 44.20
CA ARG A 122 -12.19 -9.99 44.55
C ARG A 122 -13.09 -10.08 43.33
N LEU A 123 -13.04 -9.07 42.45
CA LEU A 123 -13.95 -9.04 41.31
C LEU A 123 -13.61 -10.12 40.29
N ARG A 124 -12.33 -10.32 40.00
CA ARG A 124 -11.95 -11.31 39.00
C ARG A 124 -12.25 -12.74 39.47
N LYS A 125 -12.13 -12.99 40.78
CA LYS A 125 -12.46 -14.33 41.30
C LYS A 125 -13.91 -14.70 41.03
N LEU A 126 -14.79 -13.70 40.91
CA LEU A 126 -16.21 -13.98 40.72
C LEU A 126 -16.49 -14.66 39.38
N VAL A 127 -15.67 -14.39 38.36
CA VAL A 127 -15.94 -14.86 37.01
C VAL A 127 -14.78 -15.64 36.40
N ALA A 128 -13.70 -15.88 37.15
CA ALA A 128 -12.52 -16.53 36.57
C ALA A 128 -12.86 -17.93 36.08
N ARG A 129 -13.74 -18.64 36.78
CA ARG A 129 -14.08 -20.00 36.38
C ARG A 129 -14.88 -20.04 35.08
N GLU A 130 -15.54 -18.94 34.69
CA GLU A 130 -16.34 -18.93 33.49
C GLU A 130 -15.50 -18.85 32.21
N PHE A 131 -14.22 -18.48 32.31
CA PHE A 131 -13.42 -18.16 31.13
C PHE A 131 -12.16 -19.01 31.04
N THR A 132 -12.10 -20.13 31.74
CA THR A 132 -10.97 -21.04 31.59
C THR A 132 -11.04 -21.72 30.23
N MET A 133 -9.89 -22.29 29.82
CA MET A 133 -9.83 -22.97 28.53
C MET A 133 -10.84 -24.11 28.46
N ARG A 134 -10.95 -24.91 29.53
CA ARG A 134 -11.87 -26.04 29.51
C ARG A 134 -13.32 -25.59 29.44
N ARG A 135 -13.66 -24.49 30.13
CA ARG A 135 -15.02 -24.00 30.10
C ARG A 135 -15.35 -23.36 28.75
N VAL A 136 -14.39 -22.62 28.19
CA VAL A 136 -14.60 -22.00 26.89
C VAL A 136 -14.73 -23.07 25.81
N GLU A 137 -13.97 -24.16 25.94
CA GLU A 137 -14.03 -25.22 24.94
C GLU A 137 -15.43 -25.83 24.82
N LEU A 138 -16.23 -25.75 25.89
CA LEU A 138 -17.61 -26.19 25.81
C LEU A 138 -18.45 -25.34 24.86
N LEU A 139 -18.00 -24.13 24.55
CA LEU A 139 -18.71 -23.26 23.62
C LEU A 139 -18.32 -23.48 22.17
N ARG A 140 -17.37 -24.38 21.89
CA ARG A 140 -16.91 -24.59 20.53
C ARG A 140 -18.02 -24.99 19.57
N PRO A 141 -18.91 -25.95 19.89
CA PRO A 141 -20.00 -26.26 18.94
C PRO A 141 -20.88 -25.06 18.63
N ARG A 142 -21.17 -24.22 19.62
CA ARG A 142 -22.01 -23.06 19.36
C ARG A 142 -21.27 -21.99 18.57
N VAL A 143 -19.99 -21.76 18.89
CA VAL A 143 -19.20 -20.80 18.14
C VAL A 143 -19.05 -21.26 16.68
N GLN A 144 -18.81 -22.55 16.48
CA GLN A 144 -18.75 -23.09 15.14
C GLN A 144 -20.07 -22.91 14.40
N GLU A 145 -21.19 -23.09 15.11
CA GLU A 145 -22.50 -22.91 14.50
C GLU A 145 -22.74 -21.46 14.09
N ILE A 146 -22.31 -20.51 14.94
CA ILE A 146 -22.49 -19.09 14.60
C ILE A 146 -21.66 -18.72 13.38
N VAL A 147 -20.41 -19.18 13.34
CA VAL A 147 -19.55 -18.88 12.19
C VAL A 147 -20.12 -19.51 10.92
N ASP A 148 -20.59 -20.76 11.02
CA ASP A 148 -21.15 -21.43 9.85
C ASP A 148 -22.30 -20.64 9.26
N GLY A 149 -23.22 -20.18 10.11
CA GLY A 149 -24.36 -19.43 9.60
C GLY A 149 -23.98 -18.09 9.01
N LEU A 150 -22.99 -17.42 9.60
CA LEU A 150 -22.55 -16.14 9.08
C LEU A 150 -21.83 -16.30 7.75
N VAL A 151 -21.03 -17.36 7.60
CA VAL A 151 -20.35 -17.61 6.34
C VAL A 151 -21.37 -18.04 5.29
N ASP A 152 -22.40 -18.78 5.69
CA ASP A 152 -23.46 -19.16 4.76
C ASP A 152 -24.10 -17.93 4.12
N ALA A 153 -24.47 -16.95 4.95
CA ALA A 153 -25.12 -15.75 4.43
C ALA A 153 -24.15 -14.93 3.58
N MET A 154 -22.87 -14.89 3.97
CA MET A 154 -21.89 -14.14 3.20
C MET A 154 -21.68 -14.76 1.81
N LEU A 155 -21.59 -16.10 1.75
CA LEU A 155 -21.40 -16.78 0.48
C LEU A 155 -22.61 -16.68 -0.44
N ALA A 156 -23.75 -16.22 0.06
CA ALA A 156 -24.94 -16.04 -0.76
C ALA A 156 -24.86 -14.81 -1.66
N ALA A 157 -23.80 -14.01 -1.54
CA ALA A 157 -23.67 -12.84 -2.41
C ALA A 157 -23.50 -13.28 -3.85
N PRO A 158 -24.26 -12.70 -4.79
CA PRO A 158 -24.18 -13.18 -6.18
C PRO A 158 -22.91 -12.74 -6.88
N ASP A 159 -22.34 -11.60 -6.52
CA ASP A 159 -21.11 -11.12 -7.12
C ASP A 159 -19.86 -11.65 -6.43
N GLY A 160 -20.02 -12.48 -5.40
CA GLY A 160 -18.88 -13.02 -4.68
C GLY A 160 -18.05 -11.99 -3.96
N ARG A 161 -18.65 -10.89 -3.51
CA ARG A 161 -17.95 -9.84 -2.80
C ARG A 161 -18.72 -9.52 -1.52
N ALA A 162 -17.97 -9.04 -0.51
CA ALA A 162 -18.57 -8.70 0.76
C ALA A 162 -17.57 -7.89 1.58
N ASP A 163 -18.09 -7.19 2.58
CA ASP A 163 -17.27 -6.56 3.59
C ASP A 163 -17.15 -7.53 4.76
N LEU A 164 -15.95 -8.09 4.95
CA LEU A 164 -15.75 -9.07 6.02
C LEU A 164 -16.09 -8.49 7.38
N MET A 165 -15.97 -7.17 7.55
CA MET A 165 -16.34 -6.53 8.80
C MET A 165 -17.80 -6.77 9.13
N GLU A 166 -18.70 -6.35 8.23
CA GLU A 166 -20.13 -6.48 8.50
C GLU A 166 -20.59 -7.92 8.43
N SER A 167 -19.94 -8.75 7.61
CA SER A 167 -20.43 -10.10 7.38
C SER A 167 -20.00 -11.07 8.48
N LEU A 168 -18.89 -10.81 9.17
CA LEU A 168 -18.37 -11.78 10.12
C LEU A 168 -17.69 -11.13 11.33
N ALA A 169 -16.86 -10.12 11.08
CA ALA A 169 -16.06 -9.55 12.16
C ALA A 169 -16.93 -8.89 13.23
N TRP A 170 -17.98 -8.17 12.79
CA TRP A 170 -18.91 -7.59 13.77
C TRP A 170 -19.80 -8.65 14.40
N PRO A 171 -20.59 -9.43 13.64
CA PRO A 171 -21.66 -10.22 14.29
C PRO A 171 -21.16 -11.36 15.16
N LEU A 172 -19.98 -11.93 14.86
CA LEU A 172 -19.56 -13.12 15.61
C LEU A 172 -19.29 -12.81 17.08
N PRO A 173 -18.42 -11.85 17.43
CA PRO A 173 -18.15 -11.64 18.87
C PRO A 173 -19.35 -11.12 19.64
N ILE A 174 -20.15 -10.23 19.03
CA ILE A 174 -21.31 -9.70 19.75
C ILE A 174 -22.35 -10.77 19.98
N THR A 175 -22.44 -11.77 19.08
CA THR A 175 -23.40 -12.84 19.28
C THR A 175 -22.94 -13.79 20.39
N VAL A 176 -21.65 -14.10 20.44
CA VAL A 176 -21.13 -15.02 21.45
C VAL A 176 -21.26 -14.43 22.84
N ILE A 177 -20.83 -13.17 23.01
CA ILE A 177 -20.81 -12.59 24.35
C ILE A 177 -22.21 -12.23 24.81
N SER A 178 -23.13 -11.95 23.88
CA SER A 178 -24.51 -11.64 24.26
C SER A 178 -25.23 -12.88 24.77
N GLU A 179 -25.00 -14.03 24.11
CA GLU A 179 -25.60 -15.27 24.59
C GLU A 179 -25.02 -15.69 25.93
N LEU A 180 -23.72 -15.45 26.14
CA LEU A 180 -23.10 -15.78 27.42
C LEU A 180 -23.66 -14.93 28.54
N LEU A 181 -23.78 -13.62 28.32
CA LEU A 181 -24.23 -12.70 29.34
C LEU A 181 -25.74 -12.43 29.30
N GLY A 182 -26.47 -13.06 28.39
CA GLY A 182 -27.91 -12.91 28.37
C GLY A 182 -28.41 -11.56 27.87
N VAL A 183 -27.82 -11.04 26.80
CA VAL A 183 -28.28 -9.82 26.16
C VAL A 183 -29.25 -10.21 25.04
N PRO A 184 -30.53 -9.84 25.13
CA PRO A 184 -31.48 -10.25 24.09
C PRO A 184 -31.10 -9.70 22.72
N GLU A 185 -31.46 -10.46 21.69
CA GLU A 185 -31.13 -10.08 20.31
C GLU A 185 -31.59 -8.69 19.93
N PRO A 186 -32.82 -8.25 20.21
CA PRO A 186 -33.24 -6.91 19.77
C PRO A 186 -32.45 -5.77 20.39
N ASP A 187 -31.67 -6.03 21.43
CA ASP A 187 -30.88 -4.99 22.08
C ASP A 187 -29.45 -4.90 21.55
N ARG A 188 -29.02 -5.85 20.72
CA ARG A 188 -27.61 -5.93 20.36
C ARG A 188 -27.22 -4.85 19.36
N ALA A 189 -28.15 -4.41 18.51
CA ALA A 189 -27.82 -3.41 17.50
C ALA A 189 -27.45 -2.07 18.16
N ALA A 190 -28.24 -1.64 19.14
CA ALA A 190 -27.93 -0.41 19.86
C ALA A 190 -26.62 -0.54 20.63
N PHE A 191 -26.27 -1.75 21.05
CA PHE A 191 -25.03 -1.96 21.79
C PHE A 191 -23.81 -1.69 20.92
N ARG A 192 -23.89 -2.05 19.64
CA ARG A 192 -22.78 -1.77 18.73
C ARG A 192 -22.65 -0.28 18.45
N VAL A 193 -23.77 0.43 18.37
CA VAL A 193 -23.74 1.87 18.13
C VAL A 193 -23.02 2.59 19.28
N TRP A 194 -23.32 2.19 20.52
CA TRP A 194 -22.62 2.78 21.66
C TRP A 194 -21.13 2.46 21.61
N THR A 195 -20.80 1.20 21.30
CA THR A 195 -19.39 0.80 21.19
C THR A 195 -18.69 1.60 20.11
N ASP A 196 -19.37 1.83 18.98
CA ASP A 196 -18.80 2.64 17.90
C ASP A 196 -18.49 4.05 18.39
N ALA A 197 -19.33 4.59 19.27
CA ALA A 197 -19.10 5.93 19.80
C ALA A 197 -17.95 5.98 20.79
N PHE A 198 -17.55 4.84 21.35
CA PHE A 198 -16.41 4.82 22.26
C PHE A 198 -15.09 4.91 21.51
N VAL A 199 -15.03 4.40 20.29
CA VAL A 199 -13.80 4.35 19.50
C VAL A 199 -13.68 5.54 18.57
N PHE A 200 -14.70 5.81 17.78
CA PHE A 200 -14.69 6.89 16.79
C PHE A 200 -15.94 7.74 16.93
N PRO A 201 -16.02 8.55 17.98
CA PRO A 201 -17.17 9.44 18.13
C PRO A 201 -17.07 10.63 17.18
N ASP A 202 -18.24 11.09 16.73
CA ASP A 202 -18.29 12.28 15.90
C ASP A 202 -17.89 13.52 16.70
N ASP A 203 -18.22 13.56 17.98
CA ASP A 203 -17.83 14.63 18.88
C ASP A 203 -17.71 14.05 20.28
N PRO A 204 -16.97 14.71 21.18
CA PRO A 204 -16.85 14.18 22.55
C PRO A 204 -18.19 13.97 23.25
N ALA A 205 -19.21 14.78 22.92
CA ALA A 205 -20.51 14.62 23.56
C ALA A 205 -21.18 13.32 23.16
N GLN A 206 -20.92 12.82 21.94
CA GLN A 206 -21.51 11.57 21.51
C GLN A 206 -20.98 10.39 22.33
N ALA A 207 -19.72 10.43 22.74
CA ALA A 207 -19.18 9.36 23.57
C ALA A 207 -19.78 9.40 24.97
N GLN A 208 -20.01 10.59 25.52
CA GLN A 208 -20.63 10.71 26.83
C GLN A 208 -22.07 10.22 26.79
N THR A 209 -22.81 10.55 25.72
CA THR A 209 -24.19 10.11 25.61
C THR A 209 -24.28 8.59 25.49
N ALA A 210 -23.37 7.99 24.72
CA ALA A 210 -23.37 6.53 24.60
C ALA A 210 -23.09 5.86 25.94
N MET A 211 -22.16 6.42 26.72
CA MET A 211 -21.87 5.85 28.04
C MET A 211 -23.07 5.98 28.97
N ALA A 212 -23.75 7.12 28.94
CA ALA A 212 -24.93 7.30 29.78
C ALA A 212 -26.06 6.38 29.33
N GLU A 213 -26.25 6.22 28.03
CA GLU A 213 -27.31 5.35 27.52
C GLU A 213 -27.01 3.89 27.80
N MET A 214 -25.75 3.47 27.64
CA MET A 214 -25.41 2.08 27.91
C MET A 214 -25.54 1.75 29.39
N SER A 215 -25.14 2.68 30.27
CA SER A 215 -25.31 2.48 31.70
C SER A 215 -26.79 2.32 32.06
N GLY A 216 -27.62 3.21 31.52
CA GLY A 216 -29.06 3.08 31.77
C GLY A 216 -29.62 1.77 31.27
N TYR A 217 -29.19 1.33 30.09
CA TYR A 217 -29.68 0.06 29.56
C TYR A 217 -29.21 -1.11 30.41
N LEU A 218 -27.93 -1.12 30.78
CA LEU A 218 -27.40 -2.26 31.55
C LEU A 218 -28.07 -2.36 32.91
N SER A 219 -28.39 -1.22 33.53
CA SER A 219 -29.11 -1.25 34.79
C SER A 219 -30.52 -1.82 34.61
N ARG A 220 -31.18 -1.45 33.50
CA ARG A 220 -32.49 -2.02 33.21
C ARG A 220 -32.39 -3.51 32.90
N LEU A 221 -31.34 -3.91 32.15
CA LEU A 221 -31.13 -5.32 31.87
C LEU A 221 -30.87 -6.11 33.14
N ILE A 222 -30.07 -5.56 34.05
CA ILE A 222 -29.83 -6.21 35.34
C ILE A 222 -31.14 -6.38 36.11
N ASP A 223 -31.97 -5.33 36.11
CA ASP A 223 -33.25 -5.41 36.80
C ASP A 223 -34.17 -6.46 36.19
N SER A 224 -34.09 -6.66 34.87
CA SER A 224 -34.96 -7.62 34.21
C SER A 224 -34.61 -9.06 34.53
N LYS A 225 -33.39 -9.32 35.02
CA LYS A 225 -33.01 -10.67 35.41
C LYS A 225 -33.46 -11.04 36.81
N ARG A 226 -33.70 -10.04 37.66
CA ARG A 226 -34.00 -10.29 39.07
C ARG A 226 -35.23 -11.17 39.23
N GLY A 227 -35.07 -12.29 39.93
CA GLY A 227 -36.17 -13.18 40.21
C GLY A 227 -36.64 -14.03 39.05
N GLN A 228 -35.93 -14.04 37.94
CA GLN A 228 -36.35 -14.79 36.75
C GLN A 228 -35.69 -16.16 36.65
N ASP A 229 -34.79 -16.50 37.57
CA ASP A 229 -34.14 -17.81 37.61
C ASP A 229 -33.38 -18.13 36.32
N GLY A 230 -32.85 -17.11 35.66
CA GLY A 230 -32.03 -17.34 34.48
C GLY A 230 -30.71 -17.98 34.85
N GLU A 231 -30.13 -18.69 33.88
CA GLU A 231 -28.86 -19.38 34.09
C GLU A 231 -27.72 -18.77 33.28
N ASP A 232 -27.96 -17.63 32.62
CA ASP A 232 -26.88 -16.91 31.97
C ASP A 232 -25.96 -16.28 33.02
N LEU A 233 -24.81 -15.79 32.55
CA LEU A 233 -23.80 -15.28 33.47
C LEU A 233 -24.31 -14.04 34.22
N LEU A 234 -25.05 -13.17 33.53
CA LEU A 234 -25.55 -11.97 34.20
C LEU A 234 -26.56 -12.33 35.28
N SER A 235 -27.42 -13.30 35.02
CA SER A 235 -28.39 -13.74 36.03
C SER A 235 -27.68 -14.26 37.27
N ALA A 236 -26.58 -14.99 37.09
CA ALA A 236 -25.82 -15.49 38.24
C ALA A 236 -25.16 -14.35 38.99
N LEU A 237 -24.66 -13.34 38.28
CA LEU A 237 -24.03 -12.20 38.93
C LEU A 237 -25.05 -11.40 39.73
N VAL A 238 -26.27 -11.27 39.20
CA VAL A 238 -27.33 -10.56 39.94
C VAL A 238 -27.63 -11.27 41.25
N ARG A 239 -27.76 -12.61 41.20
CA ARG A 239 -28.01 -13.35 42.43
C ARG A 239 -26.84 -13.24 43.40
N THR A 240 -25.61 -13.26 42.88
CA THR A 240 -24.44 -13.09 43.75
C THR A 240 -24.48 -11.74 44.45
N SER A 241 -24.78 -10.67 43.70
CA SER A 241 -24.83 -9.34 44.29
C SER A 241 -25.99 -9.21 45.28
N ASP A 242 -27.15 -9.73 44.92
CA ASP A 242 -28.31 -9.64 45.81
C ASP A 242 -28.11 -10.47 47.08
N GLU A 243 -27.38 -11.59 46.98
CA GLU A 243 -27.16 -12.43 48.15
C GLU A 243 -26.20 -11.78 49.14
N ASP A 244 -25.21 -11.02 48.64
CA ASP A 244 -24.23 -10.38 49.52
C ASP A 244 -23.69 -9.16 48.77
N GLY A 245 -24.20 -7.97 49.13
CA GLY A 245 -23.75 -6.74 48.51
C GLY A 245 -22.30 -6.40 48.77
N SER A 246 -21.70 -6.98 49.81
CA SER A 246 -20.28 -6.76 50.08
C SER A 246 -19.39 -7.59 49.16
N ARG A 247 -19.90 -8.69 48.61
CA ARG A 247 -19.12 -9.47 47.65
C ARG A 247 -19.18 -8.87 46.26
N LEU A 248 -20.30 -8.23 45.90
CA LEU A 248 -20.44 -7.58 44.61
C LEU A 248 -21.49 -6.48 44.77
N THR A 249 -21.03 -5.23 44.85
CA THR A 249 -21.96 -4.12 45.01
C THR A 249 -22.76 -3.90 43.73
N SER A 250 -23.85 -3.14 43.85
CA SER A 250 -24.67 -2.84 42.68
C SER A 250 -23.89 -2.06 41.64
N GLU A 251 -23.00 -1.17 42.09
CA GLU A 251 -22.13 -0.46 41.15
C GLU A 251 -21.18 -1.42 40.47
N GLU A 252 -20.61 -2.36 41.23
CA GLU A 252 -19.68 -3.33 40.63
C GLU A 252 -20.43 -4.34 39.77
N LEU A 253 -21.69 -4.62 40.08
CA LEU A 253 -22.50 -5.48 39.22
C LEU A 253 -22.69 -4.84 37.85
N LEU A 254 -23.01 -3.54 37.84
CA LEU A 254 -23.08 -2.82 36.57
C LEU A 254 -21.72 -2.76 35.89
N GLY A 255 -20.65 -2.50 36.66
CA GLY A 255 -19.33 -2.46 36.08
C GLY A 255 -18.87 -3.79 35.51
N MET A 256 -19.32 -4.89 36.11
CA MET A 256 -18.92 -6.21 35.63
C MET A 256 -19.61 -6.55 34.31
N ALA A 257 -20.91 -6.26 34.20
CA ALA A 257 -21.63 -6.49 32.96
C ALA A 257 -21.03 -5.63 31.84
C11 4AF A 258 -17.25 2.69 28.05
C8 4AF A 258 -16.63 1.80 29.13
O2 4AF A 258 -15.47 1.89 29.40
C7 4AF A 258 -17.50 0.77 29.87
C9 4AF A 258 -18.79 0.48 29.42
C10 4AF A 258 -19.59 -0.45 30.11
C6 4AF A 258 -17.01 0.15 31.01
C5 4AF A 258 -17.80 -0.78 31.70
C4 4AF A 258 -19.09 -1.08 31.25
C3 4AF A 258 -19.96 -2.11 32.03
CA 4AF A 258 -20.12 -3.46 31.28
C 4AF A 258 -18.77 -3.92 30.75
O 4AF A 258 -18.58 -3.99 29.49
N 4AF A 258 -20.67 -4.40 32.20
N ILE A 259 -17.84 -4.24 31.64
CA ILE A 259 -16.48 -4.58 31.22
C ILE A 259 -16.46 -5.92 30.46
N LEU A 260 -17.33 -6.85 30.84
CA LEU A 260 -17.34 -8.14 30.16
C LEU A 260 -17.91 -8.03 28.74
N LEU A 261 -18.82 -7.08 28.52
CA LEU A 261 -19.41 -6.89 27.21
C LEU A 261 -18.58 -5.99 26.30
N VAL A 262 -17.84 -5.04 26.87
CA VAL A 262 -17.15 -4.02 26.10
C VAL A 262 -15.70 -4.39 25.82
N ALA A 263 -14.97 -4.85 26.84
CA ALA A 263 -13.54 -5.09 26.69
C ALA A 263 -13.21 -6.11 25.61
N GLY A 264 -14.15 -6.99 25.28
CA GLY A 264 -13.86 -8.01 24.29
C GLY A 264 -14.57 -7.82 22.97
N HIS A 265 -15.33 -6.73 22.82
CA HIS A 265 -16.05 -6.52 21.56
C HIS A 265 -15.12 -5.97 20.49
N GLU A 266 -14.69 -4.72 20.63
CA GLU A 266 -13.83 -4.09 19.63
C GLU A 266 -12.56 -4.90 19.40
N THR A 267 -12.01 -5.47 20.47
CA THR A 267 -10.76 -6.22 20.34
C THR A 267 -10.93 -7.46 19.47
N THR A 268 -11.96 -8.27 19.77
CA THR A 268 -12.17 -9.49 18.99
C THR A 268 -12.59 -9.19 17.57
N VAL A 269 -13.42 -8.16 17.37
CA VAL A 269 -13.80 -7.75 16.03
C VAL A 269 -12.56 -7.41 15.21
N ASN A 270 -11.64 -6.65 15.80
CA ASN A 270 -10.49 -6.17 15.04
C ASN A 270 -9.40 -7.23 14.91
N LEU A 271 -9.30 -8.17 15.86
CA LEU A 271 -8.36 -9.28 15.68
C LEU A 271 -8.74 -10.09 14.44
N ILE A 272 -10.02 -10.41 14.29
CA ILE A 272 -10.47 -11.14 13.11
C ILE A 272 -10.18 -10.35 11.84
N ALA A 273 -10.44 -9.03 11.87
CA ALA A 273 -10.28 -8.21 10.68
C ALA A 273 -8.82 -7.89 10.40
N ASN A 274 -8.07 -7.44 11.42
CA ASN A 274 -6.65 -7.17 11.22
C ASN A 274 -5.91 -8.44 10.84
N GLY A 275 -6.30 -9.58 11.42
CA GLY A 275 -5.61 -10.82 11.11
C GLY A 275 -5.88 -11.29 9.70
N MET A 276 -7.15 -11.23 9.27
CA MET A 276 -7.47 -11.61 7.90
C MET A 276 -6.84 -10.64 6.91
N TYR A 277 -6.75 -9.35 7.26
CA TYR A 277 -6.05 -8.41 6.42
C TYR A 277 -4.56 -8.77 6.29
N ALA A 278 -3.93 -9.15 7.40
CA ALA A 278 -2.54 -9.57 7.36
C ALA A 278 -2.37 -10.78 6.46
N LEU A 279 -3.29 -11.74 6.54
CA LEU A 279 -3.20 -12.94 5.72
C LEU A 279 -3.37 -12.63 4.24
N LEU A 280 -4.38 -11.80 3.91
CA LEU A 280 -4.67 -11.50 2.51
C LEU A 280 -3.66 -10.55 1.89
N SER A 281 -3.00 -9.71 2.69
CA SER A 281 -1.97 -8.81 2.19
C SER A 281 -0.58 -9.45 2.19
N HIS A 282 -0.47 -10.70 2.64
CA HIS A 282 0.78 -11.46 2.60
C HIS A 282 0.47 -12.79 1.94
N PRO A 283 0.37 -12.82 0.61
CA PRO A 283 -0.09 -14.04 -0.07
C PRO A 283 0.76 -15.26 0.18
N ASP A 284 2.06 -15.08 0.43
CA ASP A 284 2.93 -16.22 0.71
C ASP A 284 2.53 -16.92 2.01
N GLN A 285 2.08 -16.15 3.00
CA GLN A 285 1.65 -16.73 4.27
C GLN A 285 0.26 -17.35 4.14
N LEU A 286 -0.63 -16.73 3.36
CA LEU A 286 -1.95 -17.31 3.15
C LEU A 286 -1.86 -18.67 2.46
N ALA A 287 -0.98 -18.77 1.46
CA ALA A 287 -0.80 -20.05 0.78
C ALA A 287 -0.16 -21.09 1.69
N ALA A 288 0.78 -20.66 2.55
CA ALA A 288 1.41 -21.59 3.47
C ALA A 288 0.40 -22.13 4.48
N LEU A 289 -0.50 -21.28 4.96
CA LEU A 289 -1.54 -21.74 5.87
C LEU A 289 -2.52 -22.66 5.15
N ARG A 290 -2.87 -22.33 3.90
CA ARG A 290 -3.76 -23.18 3.13
C ARG A 290 -3.16 -24.57 2.93
N ALA A 291 -1.86 -24.63 2.63
CA ALA A 291 -1.22 -25.92 2.38
C ALA A 291 -1.09 -26.76 3.65
N ASP A 292 -0.99 -26.11 4.82
CA ASP A 292 -0.81 -26.80 6.09
C ASP A 292 -1.67 -26.10 7.13
N MET A 293 -2.93 -26.54 7.26
CA MET A 293 -3.86 -25.91 8.19
C MET A 293 -3.48 -26.12 9.66
N THR A 294 -2.50 -26.98 9.94
CA THR A 294 -2.03 -27.13 11.32
C THR A 294 -1.29 -25.90 11.82
N LEU A 295 -0.88 -25.00 10.94
CA LEU A 295 -0.26 -23.74 11.32
C LEU A 295 -1.27 -22.68 11.73
N LEU A 296 -2.54 -23.07 11.88
CA LEU A 296 -3.60 -22.11 12.17
C LEU A 296 -3.36 -21.40 13.50
N ASP A 297 -3.09 -22.16 14.56
CA ASP A 297 -2.93 -21.56 15.88
C ASP A 297 -1.74 -20.59 15.91
N GLY A 298 -0.62 -21.00 15.30
CA GLY A 298 0.53 -20.10 15.23
C GLY A 298 0.26 -18.87 14.38
N ALA A 299 -0.55 -19.02 13.33
CA ALA A 299 -0.90 -17.87 12.50
C ALA A 299 -1.72 -16.86 13.28
N VAL A 300 -2.69 -17.33 14.06
CA VAL A 300 -3.50 -16.43 14.88
C VAL A 300 -2.61 -15.72 15.90
N GLU A 301 -1.64 -16.44 16.47
CA GLU A 301 -0.72 -15.82 17.42
C GLU A 301 0.09 -14.71 16.74
N GLU A 302 0.52 -14.94 15.50
CA GLU A 302 1.27 -13.91 14.79
C GLU A 302 0.37 -12.76 14.36
N MET A 303 -0.92 -13.03 14.11
CA MET A 303 -1.86 -11.93 13.88
C MET A 303 -1.92 -11.01 15.09
N LEU A 304 -1.93 -11.59 16.30
CA LEU A 304 -1.90 -10.77 17.51
C LEU A 304 -0.58 -10.02 17.64
N ARG A 305 0.53 -10.68 17.30
CA ARG A 305 1.83 -10.04 17.36
C ARG A 305 1.95 -8.93 16.32
N TYR A 306 1.60 -9.25 15.07
CA TYR A 306 1.88 -8.35 13.96
C TYR A 306 0.92 -7.16 13.91
N GLU A 307 -0.38 -7.43 14.02
CA GLU A 307 -1.40 -6.39 13.91
C GLU A 307 -2.49 -6.60 14.95
N GLY A 308 -2.10 -6.63 16.23
CA GLY A 308 -3.04 -6.78 17.31
C GLY A 308 -3.99 -5.61 17.40
N PRO A 309 -5.21 -5.85 17.89
CA PRO A 309 -6.21 -4.78 17.96
C PRO A 309 -5.93 -3.75 19.03
N VAL A 310 -5.16 -4.08 20.07
CA VAL A 310 -4.87 -3.14 21.15
C VAL A 310 -3.56 -2.42 20.80
N GLU A 311 -3.68 -1.21 20.28
CA GLU A 311 -2.50 -0.42 19.94
C GLU A 311 -1.77 0.05 21.20
N SER A 312 -2.53 0.49 22.21
CA SER A 312 -1.98 0.89 23.50
C SER A 312 -2.89 0.39 24.61
N ALA A 313 -2.28 -0.02 25.72
CA ALA A 313 -3.04 -0.55 26.84
C ALA A 313 -3.87 0.55 27.51
N THR A 314 -4.75 0.14 28.42
CA THR A 314 -5.66 1.08 29.05
C THR A 314 -4.93 1.92 30.11
N TYR A 315 -5.66 2.88 30.67
CA TYR A 315 -5.04 3.94 31.46
C TYR A 315 -4.34 3.38 32.70
N ARG A 316 -3.12 3.88 32.95
CA ARG A 316 -2.35 3.55 34.13
C ARG A 316 -1.89 4.85 34.78
N PHE A 317 -1.85 4.87 36.11
CA PHE A 317 -1.52 6.07 36.87
C PHE A 317 -0.46 5.72 37.90
N PRO A 318 0.72 6.33 37.85
CA PRO A 318 1.72 6.07 38.90
C PRO A 318 1.25 6.60 40.24
N VAL A 319 1.34 5.76 41.27
CA VAL A 319 0.98 6.18 42.62
C VAL A 319 2.02 7.13 43.20
N GLU A 320 3.21 7.16 42.63
CA GLU A 320 4.29 8.04 43.03
C GLU A 320 5.10 8.37 41.80
N PRO A 321 5.94 9.41 41.84
CA PRO A 321 6.82 9.68 40.70
C PRO A 321 7.68 8.46 40.37
N VAL A 322 7.73 8.12 39.09
CA VAL A 322 8.44 6.95 38.61
C VAL A 322 9.53 7.39 37.64
N ASP A 323 10.76 6.97 37.89
CA ASP A 323 11.89 7.30 37.03
C ASP A 323 12.06 6.21 35.98
N LEU A 324 11.96 6.58 34.71
CA LEU A 324 12.15 5.66 33.59
C LEU A 324 13.34 6.17 32.77
N ASP A 325 14.54 5.72 33.15
CA ASP A 325 15.78 6.08 32.44
C ASP A 325 15.96 7.60 32.37
N GLY A 326 15.86 8.25 33.53
CA GLY A 326 16.03 9.68 33.63
C GLY A 326 14.76 10.48 33.40
N THR A 327 13.73 9.88 32.82
CA THR A 327 12.46 10.56 32.61
C THR A 327 11.52 10.23 33.77
N VAL A 328 11.14 11.26 34.52
CA VAL A 328 10.30 11.11 35.70
C VAL A 328 8.86 11.40 35.32
N ILE A 329 7.99 10.41 35.47
CA ILE A 329 6.56 10.58 35.23
C ILE A 329 5.90 10.92 36.56
N PRO A 330 5.28 12.09 36.69
CA PRO A 330 4.72 12.49 37.99
C PRO A 330 3.52 11.62 38.37
N ALA A 331 3.24 11.61 39.67
CA ALA A 331 2.13 10.83 40.20
C ALA A 331 0.80 11.37 39.66
N GLY A 332 -0.10 10.44 39.32
CA GLY A 332 -1.41 10.80 38.84
C GLY A 332 -1.53 11.04 37.36
N ASP A 333 -0.41 11.10 36.64
CA ASP A 333 -0.45 11.30 35.19
C ASP A 333 -0.93 10.02 34.50
N THR A 334 -1.43 10.19 33.29
CA THR A 334 -1.94 9.07 32.49
C THR A 334 -0.81 8.47 31.67
N VAL A 335 -0.64 7.16 31.76
CA VAL A 335 0.43 6.43 31.08
C VAL A 335 -0.19 5.37 30.18
N LEU A 336 0.15 5.41 28.90
CA LEU A 336 -0.31 4.43 27.92
C LEU A 336 0.87 3.59 27.47
N VAL A 337 0.78 2.28 27.68
CA VAL A 337 1.81 1.34 27.24
C VAL A 337 1.53 0.96 25.79
N VAL A 338 2.46 1.28 24.90
CA VAL A 338 2.26 1.11 23.46
C VAL A 338 2.64 -0.33 23.12
N LEU A 339 1.64 -1.22 23.18
CA LEU A 339 1.87 -2.62 22.81
C LEU A 339 2.29 -2.76 21.35
N ALA A 340 1.80 -1.87 20.49
CA ALA A 340 2.16 -1.94 19.07
C ALA A 340 3.66 -1.77 18.87
N ASP A 341 4.28 -0.87 19.63
CA ASP A 341 5.71 -0.67 19.49
C ASP A 341 6.50 -1.81 20.12
N ALA A 342 6.00 -2.37 21.22
CA ALA A 342 6.65 -3.51 21.84
C ALA A 342 6.75 -4.68 20.87
N HIS A 343 5.73 -4.86 20.03
CA HIS A 343 5.70 -5.95 19.07
C HIS A 343 6.56 -5.69 17.84
N ARG A 344 7.07 -4.48 17.68
CA ARG A 344 7.99 -4.16 16.58
C ARG A 344 9.40 -3.89 17.08
N THR A 345 9.69 -4.17 18.34
CA THR A 345 11.04 -4.04 18.85
C THR A 345 11.91 -5.15 18.28
N PRO A 346 12.97 -4.83 17.52
CA PRO A 346 13.69 -5.90 16.82
C PRO A 346 14.48 -6.81 17.74
N GLU A 347 14.91 -6.32 18.90
CA GLU A 347 15.66 -7.15 19.84
C GLU A 347 14.81 -8.27 20.41
N ARG A 348 13.49 -8.12 20.44
CA ARG A 348 12.59 -9.15 20.94
C ARG A 348 11.96 -9.98 19.84
N PHE A 349 11.60 -9.35 18.72
CA PHE A 349 11.02 -10.05 17.58
C PHE A 349 11.86 -9.70 16.35
N PRO A 350 12.84 -10.55 16.02
CA PRO A 350 13.69 -10.25 14.86
C PRO A 350 12.89 -10.15 13.58
N ASP A 351 13.34 -9.26 12.69
CA ASP A 351 12.60 -8.91 11.49
C ASP A 351 11.16 -8.54 11.84
N PRO A 352 10.95 -7.52 12.69
CA PRO A 352 9.63 -7.33 13.30
C PRO A 352 8.54 -6.98 12.30
N HIS A 353 8.86 -6.35 11.18
CA HIS A 353 7.85 -5.96 10.21
C HIS A 353 7.47 -7.10 9.27
N ARG A 354 8.05 -8.28 9.43
CA ARG A 354 7.69 -9.43 8.62
C ARG A 354 6.56 -10.20 9.27
N PHE A 355 5.48 -10.42 8.52
CA PHE A 355 4.38 -11.27 8.96
C PHE A 355 4.75 -12.72 8.70
N ASP A 356 5.05 -13.47 9.75
CA ASP A 356 5.53 -14.85 9.64
C ASP A 356 4.70 -15.73 10.55
N ILE A 357 3.80 -16.53 9.97
CA ILE A 357 2.92 -17.38 10.77
C ILE A 357 3.67 -18.50 11.49
N ARG A 358 4.93 -18.74 11.14
CA ARG A 358 5.76 -19.72 11.82
C ARG A 358 6.69 -19.08 12.85
N ARG A 359 6.56 -17.78 13.07
CA ARG A 359 7.44 -17.07 13.99
C ARG A 359 7.19 -17.52 15.43
N ASP A 360 8.27 -17.51 16.23
CA ASP A 360 8.15 -17.70 17.67
C ASP A 360 7.48 -16.47 18.26
N THR A 361 6.18 -16.58 18.56
CA THR A 361 5.39 -15.47 19.06
C THR A 361 5.32 -15.43 20.58
N ALA A 362 6.00 -16.35 21.27
CA ALA A 362 5.91 -16.43 22.72
C ALA A 362 6.36 -15.13 23.37
N GLY A 363 5.52 -14.60 24.26
CA GLY A 363 5.85 -13.39 24.98
C GLY A 363 5.22 -12.12 24.45
N HIS A 364 4.36 -12.21 23.43
CA HIS A 364 3.72 -11.00 22.96
C HIS A 364 2.73 -10.48 24.00
N LEU A 365 2.43 -9.19 23.92
CA LEU A 365 1.63 -8.48 24.91
C LEU A 365 0.24 -8.14 24.39
N ALA A 366 -0.23 -8.84 23.35
CA ALA A 366 -1.53 -8.51 22.77
C ALA A 366 -2.68 -8.68 23.76
N PHE A 367 -2.52 -9.60 24.72
CA PHE A 367 -3.49 -9.79 25.78
C PHE A 367 -3.05 -9.16 27.10
N GLY A 368 -2.02 -8.33 27.07
CA GLY A 368 -1.51 -7.71 28.28
C GLY A 368 -0.50 -8.60 28.99
N HIS A 369 -0.27 -8.27 30.26
CA HIS A 369 0.68 -8.99 31.10
C HIS A 369 0.50 -8.55 32.54
N GLY A 370 0.48 -9.51 33.45
CA GLY A 370 0.30 -9.23 34.86
C GLY A 370 -1.07 -9.63 35.36
N ILE A 371 -1.47 -9.00 36.46
CA ILE A 371 -2.75 -9.35 37.10
C ILE A 371 -3.94 -9.00 36.21
N HIS A 372 -3.77 -8.08 35.26
CA HIS A 372 -4.85 -7.69 34.36
C HIS A 372 -4.80 -8.42 33.02
N PHE A 373 -3.98 -9.46 32.91
CA PHE A 373 -3.93 -10.25 31.69
C PHE A 373 -5.32 -10.69 31.27
N CYS A 374 -5.59 -10.62 29.97
CA CYS A 374 -6.94 -10.74 29.45
C CYS A 374 -7.62 -12.02 29.92
N ILE A 375 -8.76 -11.87 30.60
CA ILE A 375 -9.53 -13.00 31.07
C ILE A 375 -10.23 -13.72 29.93
N GLY A 376 -10.44 -13.04 28.80
CA GLY A 376 -11.11 -13.62 27.66
C GLY A 376 -10.21 -14.19 26.59
N ALA A 377 -8.91 -14.33 26.86
CA ALA A 377 -8.00 -14.82 25.83
C ALA A 377 -8.37 -16.18 25.27
N PRO A 378 -8.73 -17.19 26.08
CA PRO A 378 -9.19 -18.46 25.45
C PRO A 378 -10.40 -18.31 24.56
N LEU A 379 -11.37 -17.49 24.98
CA LEU A 379 -12.56 -17.27 24.15
C LEU A 379 -12.21 -16.52 22.87
N ALA A 380 -11.38 -15.48 22.99
CA ALA A 380 -10.96 -14.73 21.81
C ALA A 380 -10.22 -15.64 20.83
N ARG A 381 -9.31 -16.48 21.33
CA ARG A 381 -8.57 -17.38 20.46
C ARG A 381 -9.50 -18.40 19.81
N LEU A 382 -10.48 -18.90 20.55
CA LEU A 382 -11.44 -19.85 19.97
C LEU A 382 -12.20 -19.22 18.83
N GLU A 383 -12.69 -17.99 19.03
CA GLU A 383 -13.47 -17.33 17.98
C GLU A 383 -12.61 -17.03 16.76
N ALA A 384 -11.40 -16.54 16.97
CA ALA A 384 -10.52 -16.20 15.85
C ALA A 384 -10.10 -17.46 15.08
N ARG A 385 -9.74 -18.52 15.80
CA ARG A 385 -9.29 -19.74 15.14
C ARG A 385 -10.39 -20.34 14.28
N ILE A 386 -11.62 -20.36 14.77
CA ILE A 386 -12.73 -20.92 14.01
C ILE A 386 -13.07 -20.01 12.83
N ALA A 387 -13.03 -18.70 13.04
CA ALA A 387 -13.38 -17.77 11.97
C ALA A 387 -12.37 -17.83 10.83
N VAL A 388 -11.07 -17.84 11.16
CA VAL A 388 -10.04 -17.87 10.11
C VAL A 388 -10.12 -19.18 9.34
N ARG A 389 -10.29 -20.30 10.06
CA ARG A 389 -10.34 -21.59 9.38
C ARG A 389 -11.54 -21.68 8.44
N ALA A 390 -12.69 -21.14 8.86
CA ALA A 390 -13.88 -21.21 8.02
C ALA A 390 -13.72 -20.37 6.76
N LEU A 391 -13.09 -19.20 6.88
CA LEU A 391 -12.90 -18.36 5.70
C LEU A 391 -11.97 -19.01 4.70
N LEU A 392 -10.90 -19.64 5.16
CA LEU A 392 -9.95 -20.26 4.24
C LEU A 392 -10.53 -21.51 3.60
N GLU A 393 -11.29 -22.31 4.37
CA GLU A 393 -11.80 -23.57 3.88
C GLU A 393 -13.01 -23.41 2.95
N ARG A 394 -13.76 -22.31 3.07
CA ARG A 394 -15.01 -22.15 2.35
C ARG A 394 -15.02 -21.01 1.34
N CYS A 395 -13.94 -20.23 1.23
CA CYS A 395 -13.85 -19.14 0.26
C CYS A 395 -12.73 -19.47 -0.72
N PRO A 396 -13.05 -20.14 -1.83
CA PRO A 396 -12.02 -20.42 -2.83
C PRO A 396 -11.50 -19.13 -3.46
N ASP A 397 -10.17 -19.04 -3.56
CA ASP A 397 -9.50 -17.86 -4.11
C ASP A 397 -9.89 -16.60 -3.34
N LEU A 398 -9.92 -16.70 -2.02
CA LEU A 398 -10.18 -15.55 -1.17
C LEU A 398 -9.12 -14.48 -1.40
N ALA A 399 -9.56 -13.23 -1.51
CA ALA A 399 -8.63 -12.17 -1.86
C ALA A 399 -9.11 -10.83 -1.30
N LEU A 400 -8.16 -9.94 -1.07
CA LEU A 400 -8.47 -8.57 -0.69
C LEU A 400 -9.03 -7.84 -1.90
N ASP A 401 -10.23 -7.26 -1.76
CA ASP A 401 -10.93 -6.65 -2.88
C ASP A 401 -10.61 -5.17 -3.05
N VAL A 402 -9.64 -4.64 -2.31
CA VAL A 402 -9.10 -3.31 -2.52
C VAL A 402 -7.59 -3.37 -2.33
N SER A 403 -6.92 -2.30 -2.72
CA SER A 403 -5.51 -2.24 -2.41
C SER A 403 -5.30 -1.86 -0.95
N PRO A 404 -4.19 -2.30 -0.34
CA PRO A 404 -3.94 -1.92 1.06
C PRO A 404 -3.95 -0.41 1.29
N GLY A 405 -3.47 0.36 0.31
CA GLY A 405 -3.50 1.81 0.43
C GLY A 405 -4.89 2.41 0.44
N GLU A 406 -5.89 1.66 -0.05
CA GLU A 406 -7.27 2.12 -0.07
C GLU A 406 -7.99 1.85 1.25
N LEU A 407 -7.46 0.99 2.10
CA LEU A 407 -8.07 0.77 3.40
C LEU A 407 -7.89 1.99 4.29
N VAL A 408 -8.85 2.21 5.19
CA VAL A 408 -8.82 3.36 6.08
C VAL A 408 -8.87 2.85 7.52
N TRP A 409 -7.95 3.31 8.34
CA TRP A 409 -7.84 2.92 9.73
C TRP A 409 -8.43 3.99 10.63
N TYR A 410 -9.04 3.55 11.73
CA TYR A 410 -9.63 4.48 12.67
C TYR A 410 -8.55 5.21 13.45
N PRO A 411 -8.72 6.51 13.70
CA PRO A 411 -7.73 7.28 14.49
C PRO A 411 -8.03 7.22 15.99
N ASN A 412 -7.64 6.12 16.62
CA ASN A 412 -7.76 5.95 18.06
C ASN A 412 -6.44 5.41 18.59
N PRO A 413 -5.83 6.07 19.58
CA PRO A 413 -4.51 5.63 20.05
C PRO A 413 -4.54 4.30 20.78
N MET A 414 -5.71 3.84 21.24
CA MET A 414 -5.81 2.59 21.98
C MET A 414 -6.17 1.41 21.10
N ILE A 415 -6.92 1.64 20.03
CA ILE A 415 -7.45 0.56 19.19
C ILE A 415 -6.88 0.68 17.79
N ARG A 416 -6.47 -0.45 17.22
CA ARG A 416 -6.07 -0.56 15.82
C ARG A 416 -7.13 -1.36 15.09
N GLY A 417 -7.90 -0.69 14.24
CA GLY A 417 -8.99 -1.35 13.54
C GLY A 417 -9.33 -0.66 12.24
N LEU A 418 -9.93 -1.44 11.34
CA LEU A 418 -10.29 -0.96 10.01
C LEU A 418 -11.73 -0.46 9.99
N LYS A 419 -12.00 0.44 9.04
CA LYS A 419 -13.37 0.86 8.79
C LYS A 419 -14.15 -0.21 8.03
N ALA A 420 -13.48 -0.87 7.09
CA ALA A 420 -14.09 -1.96 6.32
C ALA A 420 -12.96 -2.84 5.80
N LEU A 421 -13.33 -4.07 5.45
CA LEU A 421 -12.39 -5.05 4.89
C LEU A 421 -13.05 -5.69 3.67
N PRO A 422 -12.99 -5.02 2.51
CA PRO A 422 -13.58 -5.61 1.30
C PRO A 422 -12.82 -6.86 0.88
N ILE A 423 -13.58 -7.93 0.61
CA ILE A 423 -13.01 -9.20 0.19
C ILE A 423 -13.82 -9.75 -0.96
N ARG A 424 -13.22 -10.71 -1.67
CA ARG A 424 -13.91 -11.39 -2.76
C ARG A 424 -13.45 -12.84 -2.80
N TRP A 425 -14.20 -13.67 -3.53
CA TRP A 425 -13.89 -15.08 -3.65
C TRP A 425 -14.46 -15.59 -4.97
N ARG A 426 -14.18 -16.86 -5.28
CA ARG A 426 -14.66 -17.48 -6.51
C ARG A 426 -16.00 -18.17 -6.29
N VAL B 34 -4.35 29.70 -16.72
CA VAL B 34 -3.28 28.74 -16.96
C VAL B 34 -2.93 28.01 -15.67
N LEU B 35 -3.27 26.72 -15.62
CA LEU B 35 -2.99 25.91 -14.43
C LEU B 35 -1.48 25.71 -14.28
N ASP B 36 -0.97 26.02 -13.08
CA ASP B 36 0.45 25.86 -12.80
C ASP B 36 0.68 24.51 -12.15
N LEU B 37 1.27 23.58 -12.90
CA LEU B 37 1.54 22.25 -12.35
C LEU B 37 2.67 22.29 -11.32
N GLY B 38 3.56 23.28 -11.42
CA GLY B 38 4.65 23.38 -10.45
C GLY B 38 4.18 23.77 -9.07
N ALA B 39 3.06 24.50 -8.98
CA ALA B 39 2.52 24.92 -7.70
C ALA B 39 1.78 23.80 -6.96
N LEU B 40 1.75 22.59 -7.52
CA LEU B 40 1.07 21.48 -6.89
C LEU B 40 2.00 20.59 -6.06
N GLY B 41 3.31 20.71 -6.25
CA GLY B 41 4.27 20.00 -5.44
C GLY B 41 4.40 18.53 -5.81
N GLN B 42 5.05 17.78 -4.91
CA GLN B 42 5.26 16.36 -5.11
C GLN B 42 3.95 15.58 -5.16
N ASP B 43 2.88 16.12 -4.58
CA ASP B 43 1.58 15.46 -4.64
C ASP B 43 1.17 15.20 -6.08
N PHE B 44 1.45 16.14 -6.98
CA PHE B 44 1.13 15.93 -8.38
C PHE B 44 2.09 14.93 -9.02
N ALA B 45 3.36 14.94 -8.61
CA ALA B 45 4.32 13.98 -9.14
C ALA B 45 3.98 12.56 -8.68
N ALA B 46 3.56 12.41 -7.44
CA ALA B 46 3.25 11.07 -6.91
C ALA B 46 1.88 10.59 -7.38
N ASP B 47 0.91 11.49 -7.47
CA ASP B 47 -0.46 11.14 -7.86
C ASP B 47 -1.02 12.23 -8.75
N PRO B 48 -0.67 12.21 -10.05
CA PRO B 48 -1.20 13.24 -10.96
C PRO B 48 -2.61 12.96 -11.44
N TYR B 49 -3.10 11.74 -11.27
CA TYR B 49 -4.36 11.35 -11.89
C TYR B 49 -5.56 12.18 -11.46
N PRO B 50 -5.74 12.55 -10.18
CA PRO B 50 -6.87 13.43 -9.85
C PRO B 50 -6.83 14.76 -10.60
N THR B 51 -5.64 15.31 -10.85
CA THR B 51 -5.54 16.58 -11.57
C THR B 51 -5.98 16.42 -13.01
N TYR B 52 -5.50 15.38 -13.70
CA TYR B 52 -5.90 15.14 -15.07
C TYR B 52 -7.40 14.86 -15.18
N ALA B 53 -7.98 14.21 -14.16
CA ALA B 53 -9.40 13.86 -14.22
C ALA B 53 -10.28 15.09 -14.10
N ARG B 54 -9.90 16.04 -13.23
CA ARG B 54 -10.65 17.29 -13.13
C ARG B 54 -10.61 18.06 -14.44
N LEU B 55 -9.46 18.04 -15.13
CA LEU B 55 -9.36 18.71 -16.42
C LEU B 55 -10.27 18.04 -17.45
N ARG B 56 -10.23 16.71 -17.53
CA ARG B 56 -11.05 15.99 -18.49
C ARG B 56 -12.54 16.27 -18.30
N ALA B 57 -12.96 16.54 -17.06
CA ALA B 57 -14.35 16.87 -16.81
C ALA B 57 -14.76 18.21 -17.41
N GLU B 58 -13.79 19.11 -17.66
CA GLU B 58 -14.07 20.42 -18.21
C GLU B 58 -13.90 20.49 -19.73
N GLY B 59 -12.92 19.77 -20.28
CA GLY B 59 -12.69 19.80 -21.71
C GLY B 59 -11.61 18.83 -22.14
N PRO B 60 -11.31 18.81 -23.44
CA PRO B 60 -10.28 17.90 -23.94
C PRO B 60 -8.88 18.50 -23.94
N ALA B 61 -8.79 19.83 -24.01
CA ALA B 61 -7.51 20.51 -24.13
C ALA B 61 -7.42 21.64 -23.11
N HIS B 62 -6.26 21.77 -22.46
CA HIS B 62 -6.06 22.77 -21.43
C HIS B 62 -4.63 23.30 -21.48
N ARG B 63 -4.49 24.61 -21.41
CA ARG B 63 -3.18 25.24 -21.35
C ARG B 63 -2.68 25.23 -19.92
N VAL B 64 -1.49 24.67 -19.71
CA VAL B 64 -0.90 24.54 -18.38
C VAL B 64 0.54 25.02 -18.42
N ARG B 65 1.13 25.13 -17.25
CA ARG B 65 2.55 25.44 -17.09
C ARG B 65 3.20 24.27 -16.37
N THR B 66 4.15 23.61 -17.04
CA THR B 66 4.83 22.47 -16.45
C THR B 66 5.67 22.92 -15.26
N PRO B 67 6.00 21.99 -14.36
CA PRO B 67 6.87 22.35 -13.22
C PRO B 67 8.20 22.96 -13.63
N GLU B 68 8.64 22.72 -14.87
CA GLU B 68 9.89 23.27 -15.38
C GLU B 68 9.72 24.66 -16.00
N GLY B 69 8.49 25.17 -16.07
CA GLY B 69 8.24 26.52 -16.52
C GLY B 69 7.74 26.65 -17.94
N ASP B 70 7.48 25.54 -18.64
CA ASP B 70 7.03 25.58 -20.02
C ASP B 70 5.51 25.62 -20.09
N GLU B 71 4.99 26.49 -20.95
CA GLU B 71 3.56 26.60 -21.20
C GLU B 71 3.20 25.71 -22.37
N VAL B 72 2.38 24.68 -22.12
CA VAL B 72 2.02 23.69 -23.12
C VAL B 72 0.52 23.40 -23.01
N TRP B 73 0.02 22.64 -23.98
CA TRP B 73 -1.35 22.14 -23.97
C TRP B 73 -1.36 20.67 -23.57
N LEU B 74 -2.31 20.31 -22.70
CA LEU B 74 -2.54 18.92 -22.32
C LEU B 74 -3.82 18.43 -22.97
N VAL B 75 -3.73 17.29 -23.66
CA VAL B 75 -4.90 16.63 -24.23
C VAL B 75 -5.26 15.47 -23.30
N VAL B 76 -6.49 15.47 -22.80
CA VAL B 76 -6.94 14.48 -21.83
C VAL B 76 -8.17 13.77 -22.38
N GLY B 77 -8.50 12.64 -21.75
CA GLY B 77 -9.60 11.81 -22.20
C GLY B 77 -9.16 10.81 -23.25
N TYR B 78 -9.56 9.54 -23.10
CA TYR B 78 -9.02 8.49 -23.94
C TYR B 78 -9.32 8.74 -25.42
N ASP B 79 -10.57 9.02 -25.76
CA ASP B 79 -10.96 9.15 -27.16
C ASP B 79 -10.18 10.26 -27.85
N ARG B 80 -10.11 11.43 -27.22
CA ARG B 80 -9.35 12.54 -27.81
C ARG B 80 -7.86 12.25 -27.82
N ALA B 81 -7.36 11.59 -26.77
CA ALA B 81 -5.94 11.28 -26.69
C ALA B 81 -5.52 10.35 -27.83
N ARG B 82 -6.30 9.28 -28.05
CA ARG B 82 -5.97 8.33 -29.11
C ARG B 82 -6.05 8.99 -30.48
N ALA B 83 -7.02 9.88 -30.68
CA ALA B 83 -7.17 10.53 -31.98
C ALA B 83 -6.03 11.49 -32.26
N VAL B 84 -5.63 12.30 -31.27
CA VAL B 84 -4.58 13.28 -31.49
C VAL B 84 -3.24 12.60 -31.74
N LEU B 85 -2.99 11.46 -31.11
CA LEU B 85 -1.73 10.75 -31.30
C LEU B 85 -1.48 10.43 -32.78
N ALA B 86 -2.54 10.10 -33.51
CA ALA B 86 -2.42 9.72 -34.91
C ALA B 86 -2.90 10.81 -35.86
N ASP B 87 -3.28 11.97 -35.35
CA ASP B 87 -3.83 13.04 -36.19
C ASP B 87 -2.72 13.71 -36.98
N PRO B 88 -2.74 13.67 -38.31
CA PRO B 88 -1.70 14.35 -39.10
C PRO B 88 -1.72 15.85 -38.93
N ARG B 89 -2.80 16.43 -38.40
CA ARG B 89 -2.82 17.86 -38.12
C ARG B 89 -1.84 18.25 -37.03
N PHE B 90 -1.43 17.30 -36.19
CA PHE B 90 -0.46 17.53 -35.12
C PHE B 90 0.89 16.98 -35.58
N SER B 91 1.80 17.87 -35.94
CA SER B 91 3.10 17.48 -36.46
C SER B 91 4.09 17.28 -35.32
N LYS B 92 5.14 16.51 -35.63
CA LYS B 92 6.26 16.31 -34.71
C LYS B 92 7.54 16.94 -35.23
N ASP B 93 7.48 17.64 -36.36
CA ASP B 93 8.63 18.32 -36.94
C ASP B 93 8.73 19.72 -36.34
N TRP B 94 9.89 20.04 -35.75
CA TRP B 94 10.07 21.31 -35.06
C TRP B 94 10.04 22.50 -36.01
N ARG B 95 10.07 22.28 -37.32
CA ARG B 95 9.82 23.36 -38.26
C ARG B 95 8.40 23.89 -38.16
N ASN B 96 7.49 23.10 -37.58
CA ASN B 96 6.11 23.53 -37.36
C ASN B 96 5.87 24.04 -35.95
N SER B 97 6.92 24.17 -35.14
CA SER B 97 6.82 24.65 -33.77
C SER B 97 7.34 26.07 -33.69
N THR B 98 6.69 26.89 -32.87
CA THR B 98 7.15 28.25 -32.61
C THR B 98 8.19 28.32 -31.50
N THR B 99 8.50 27.19 -30.86
CA THR B 99 9.52 27.11 -29.81
C THR B 99 10.88 26.88 -30.43
N PRO B 100 11.87 27.73 -30.14
CA PRO B 100 13.20 27.54 -30.72
C PRO B 100 13.97 26.41 -30.05
N LEU B 101 14.79 25.74 -30.85
CA LEU B 101 15.68 24.69 -30.37
C LEU B 101 17.06 25.27 -30.08
N THR B 102 17.67 24.81 -28.99
CA THR B 102 19.05 25.18 -28.73
C THR B 102 19.98 24.41 -29.69
N GLU B 103 21.25 24.80 -29.69
CA GLU B 103 22.22 24.13 -30.56
C GLU B 103 22.37 22.66 -30.19
N ALA B 104 22.43 22.37 -28.89
CA ALA B 104 22.57 20.98 -28.45
C ALA B 104 21.32 20.17 -28.79
N GLU B 105 20.15 20.78 -28.73
CA GLU B 105 18.91 20.07 -29.05
C GLU B 105 18.80 19.81 -30.54
N ALA B 106 19.15 20.79 -31.36
CA ALA B 106 18.99 20.65 -32.80
C ALA B 106 19.95 19.61 -33.38
N ALA B 107 21.07 19.35 -32.68
CA ALA B 107 22.03 18.38 -33.18
C ALA B 107 21.48 16.96 -33.14
N LEU B 108 20.53 16.68 -32.24
CA LEU B 108 19.96 15.35 -32.08
C LEU B 108 18.54 15.26 -32.60
N ASN B 109 18.06 16.29 -33.31
CA ASN B 109 16.66 16.41 -33.68
C ASN B 109 16.29 15.60 -34.93
N HIS B 110 17.27 15.18 -35.72
CA HIS B 110 17.00 14.52 -36.99
C HIS B 110 16.78 13.02 -36.79
N ASN B 111 15.68 12.69 -36.12
CA ASN B 111 15.30 11.31 -35.86
C ASN B 111 13.82 11.13 -36.19
N MET B 112 13.39 9.86 -36.22
CA MET B 112 12.05 9.56 -36.71
C MET B 112 10.96 10.05 -35.77
N LEU B 113 11.23 10.10 -34.47
CA LEU B 113 10.20 10.55 -33.53
C LEU B 113 9.91 12.05 -33.70
N GLU B 114 10.87 12.81 -34.21
CA GLU B 114 10.71 14.24 -34.42
C GLU B 114 10.65 14.56 -35.92
N SER B 115 9.89 13.76 -36.66
CA SER B 115 9.73 13.92 -38.09
C SER B 115 8.31 13.54 -38.49
N ASP B 116 7.87 14.10 -39.61
CA ASP B 116 6.65 13.72 -40.29
C ASP B 116 6.98 13.01 -41.60
N PRO B 117 6.01 12.35 -42.22
CA PRO B 117 6.22 11.89 -43.59
C PRO B 117 6.53 13.06 -44.49
N PRO B 118 7.38 12.86 -45.51
CA PRO B 118 7.97 11.57 -45.88
C PRO B 118 9.26 11.20 -45.13
N ARG B 119 9.84 12.14 -44.38
CA ARG B 119 11.09 11.86 -43.68
C ARG B 119 10.92 10.72 -42.68
N HIS B 120 9.83 10.74 -41.91
CA HIS B 120 9.59 9.67 -40.95
C HIS B 120 9.48 8.32 -41.65
N THR B 121 8.80 8.31 -42.80
CA THR B 121 8.65 7.06 -43.56
C THR B 121 10.00 6.51 -43.99
N ARG B 122 10.88 7.39 -44.49
CA ARG B 122 12.19 6.95 -44.95
C ARG B 122 13.05 6.45 -43.79
N LEU B 123 13.05 7.16 -42.66
CA LEU B 123 13.92 6.80 -41.56
C LEU B 123 13.47 5.49 -40.89
N ARG B 124 12.16 5.34 -40.67
CA ARG B 124 11.69 4.13 -40.00
C ARG B 124 11.86 2.89 -40.86
N LYS B 125 11.75 3.03 -42.18
CA LYS B 125 11.96 1.90 -43.08
C LYS B 125 13.36 1.31 -42.92
N LEU B 126 14.33 2.13 -42.51
CA LEU B 126 15.71 1.66 -42.43
C LEU B 126 15.91 0.62 -41.33
N VAL B 127 15.07 0.64 -40.29
CA VAL B 127 15.28 -0.20 -39.12
C VAL B 127 14.06 -1.03 -38.75
N ALA B 128 12.98 -0.97 -39.53
CA ALA B 128 11.76 -1.66 -39.15
C ALA B 128 11.98 -3.18 -39.05
N ARG B 129 12.74 -3.74 -39.99
CA ARG B 129 12.96 -5.19 -40.00
C ARG B 129 13.73 -5.67 -38.76
N GLU B 130 14.49 -4.79 -38.12
CA GLU B 130 15.29 -5.19 -36.97
C GLU B 130 14.46 -5.38 -35.71
N PHE B 131 13.23 -4.89 -35.67
CA PHE B 131 12.45 -4.85 -34.44
C PHE B 131 11.11 -5.58 -34.55
N THR B 132 10.93 -6.39 -35.59
CA THR B 132 9.71 -7.19 -35.68
C THR B 132 9.67 -8.23 -34.56
N MET B 133 8.47 -8.76 -34.30
CA MET B 133 8.30 -9.78 -33.29
C MET B 133 9.18 -10.99 -33.58
N ARG B 134 9.24 -11.41 -34.85
CA ARG B 134 10.02 -12.59 -35.22
C ARG B 134 11.52 -12.33 -35.04
N ARG B 135 12.00 -11.17 -35.45
CA ARG B 135 13.42 -10.86 -35.27
C ARG B 135 13.77 -10.66 -33.80
N VAL B 136 12.86 -10.05 -33.04
CA VAL B 136 13.11 -9.84 -31.62
C VAL B 136 13.13 -11.17 -30.87
N GLU B 137 12.29 -12.13 -31.30
CA GLU B 137 12.26 -13.43 -30.63
C GLU B 137 13.60 -14.14 -30.71
N LEU B 138 14.40 -13.85 -31.73
CA LEU B 138 15.74 -14.42 -31.80
C LEU B 138 16.62 -13.96 -30.64
N LEU B 139 16.29 -12.84 -30.02
CA LEU B 139 17.06 -12.33 -28.88
C LEU B 139 16.65 -12.94 -27.55
N ARG B 140 15.62 -13.79 -27.53
CA ARG B 140 15.14 -14.35 -26.27
C ARG B 140 16.21 -15.11 -25.50
N PRO B 141 17.02 -15.99 -26.11
CA PRO B 141 18.06 -16.65 -25.31
C PRO B 141 19.06 -15.69 -24.70
N ARG B 142 19.40 -14.61 -25.40
CA ARG B 142 20.34 -13.64 -24.84
C ARG B 142 19.68 -12.80 -23.75
N VAL B 143 18.44 -12.37 -23.97
CA VAL B 143 17.73 -11.61 -22.95
C VAL B 143 17.52 -12.45 -21.70
N GLN B 144 17.17 -13.73 -21.88
CA GLN B 144 17.03 -14.63 -20.74
C GLN B 144 18.35 -14.78 -20.00
N GLU B 145 19.46 -14.88 -20.74
CA GLU B 145 20.77 -15.02 -20.10
C GLU B 145 21.12 -13.78 -19.29
N ILE B 146 20.81 -12.59 -19.81
CA ILE B 146 21.13 -11.36 -19.10
C ILE B 146 20.32 -11.28 -17.80
N VAL B 147 19.02 -11.57 -17.89
CA VAL B 147 18.17 -11.55 -16.69
C VAL B 147 18.63 -12.61 -15.70
N ASP B 148 19.01 -13.79 -16.21
CA ASP B 148 19.49 -14.86 -15.33
C ASP B 148 20.68 -14.41 -14.50
N GLY B 149 21.69 -13.82 -15.15
CA GLY B 149 22.87 -13.38 -14.42
C GLY B 149 22.58 -12.23 -13.48
N LEU B 150 21.70 -11.31 -13.88
CA LEU B 150 21.37 -10.18 -13.02
C LEU B 150 20.62 -10.64 -11.77
N VAL B 151 19.69 -11.58 -11.93
CA VAL B 151 19.00 -12.13 -10.78
C VAL B 151 19.94 -13.00 -9.94
N ASP B 152 20.88 -13.68 -10.58
CA ASP B 152 21.88 -14.46 -9.85
C ASP B 152 22.66 -13.57 -8.87
N ALA B 153 23.17 -12.44 -9.36
CA ALA B 153 23.92 -11.53 -8.50
C ALA B 153 23.02 -10.89 -7.46
N MET B 154 21.76 -10.62 -7.80
CA MET B 154 20.85 -10.01 -6.83
C MET B 154 20.53 -10.97 -5.70
N LEU B 155 20.31 -12.25 -6.03
CA LEU B 155 20.03 -13.25 -5.00
C LEU B 155 21.24 -13.59 -4.14
N ALA B 156 22.42 -13.11 -4.50
CA ALA B 156 23.63 -13.36 -3.72
C ALA B 156 23.71 -12.48 -2.48
N ALA B 157 22.78 -11.56 -2.28
CA ALA B 157 22.80 -10.69 -1.11
C ALA B 157 22.42 -11.47 0.13
N PRO B 158 23.28 -11.54 1.16
CA PRO B 158 22.93 -12.33 2.36
C PRO B 158 21.64 -11.87 3.03
N ASP B 159 21.39 -10.56 3.08
CA ASP B 159 20.23 -10.03 3.78
C ASP B 159 18.93 -10.17 3.00
N GLY B 160 18.96 -10.75 1.80
CA GLY B 160 17.75 -10.87 1.00
C GLY B 160 17.12 -9.55 0.65
N ARG B 161 17.92 -8.49 0.54
CA ARG B 161 17.44 -7.15 0.24
C ARG B 161 18.15 -6.64 -1.01
N ALA B 162 17.45 -5.79 -1.75
CA ALA B 162 18.02 -5.20 -2.96
C ALA B 162 17.13 -4.06 -3.41
N ASP B 163 17.73 -3.14 -4.17
CA ASP B 163 16.99 -2.13 -4.92
C ASP B 163 16.77 -2.67 -6.33
N LEU B 164 15.51 -3.02 -6.64
CA LEU B 164 15.20 -3.57 -7.95
C LEU B 164 15.62 -2.62 -9.07
N MET B 165 15.60 -1.31 -8.80
CA MET B 165 16.05 -0.33 -9.76
C MET B 165 17.50 -0.57 -10.17
N GLU B 166 18.40 -0.63 -9.19
CA GLU B 166 19.82 -0.79 -9.48
C GLU B 166 20.17 -2.23 -9.87
N SER B 167 19.42 -3.21 -9.36
CA SER B 167 19.80 -4.61 -9.57
C SER B 167 19.31 -5.16 -10.90
N LEU B 168 18.18 -4.68 -11.42
CA LEU B 168 17.61 -5.29 -12.62
C LEU B 168 17.02 -4.26 -13.57
N ALA B 169 16.30 -3.27 -13.04
CA ALA B 169 15.56 -2.34 -13.88
C ALA B 169 16.49 -1.53 -14.77
N TRP B 170 17.59 -1.00 -14.21
CA TRP B 170 18.55 -0.27 -15.03
C TRP B 170 19.38 -1.19 -15.91
N PRO B 171 20.07 -2.22 -15.39
CA PRO B 171 21.07 -2.91 -16.23
C PRO B 171 20.49 -3.68 -17.39
N LEU B 172 19.27 -4.23 -17.26
CA LEU B 172 18.75 -5.09 -18.34
C LEU B 172 18.54 -4.35 -19.64
N PRO B 173 17.77 -3.25 -19.69
CA PRO B 173 17.56 -2.59 -21.00
C PRO B 173 18.82 -2.01 -21.60
N ILE B 174 19.68 -1.39 -20.79
CA ILE B 174 20.90 -0.80 -21.33
C ILE B 174 21.83 -1.87 -21.88
N THR B 175 21.84 -3.06 -21.27
CA THR B 175 22.67 -4.13 -21.77
C THR B 175 22.15 -4.65 -23.11
N VAL B 176 20.83 -4.82 -23.22
CA VAL B 176 20.25 -5.36 -24.45
C VAL B 176 20.46 -4.39 -25.61
N ILE B 177 20.14 -3.12 -25.40
CA ILE B 177 20.20 -2.17 -26.51
C ILE B 177 21.63 -1.82 -26.87
N SER B 178 22.55 -1.89 -25.90
CA SER B 178 23.95 -1.59 -26.21
C SER B 178 24.57 -2.70 -27.06
N GLU B 179 24.20 -3.95 -26.80
CA GLU B 179 24.68 -5.05 -27.63
C GLU B 179 24.06 -5.00 -29.02
N LEU B 180 22.81 -4.52 -29.12
CA LEU B 180 22.18 -4.39 -30.43
C LEU B 180 22.86 -3.31 -31.26
N LEU B 181 23.17 -2.17 -30.67
CA LEU B 181 23.73 -1.03 -31.37
C LEU B 181 25.24 -0.90 -31.20
N GLY B 182 25.89 -1.87 -30.57
CA GLY B 182 27.33 -1.87 -30.50
C GLY B 182 27.93 -0.80 -29.60
N VAL B 183 27.35 -0.57 -28.44
CA VAL B 183 27.90 0.37 -27.46
C VAL B 183 28.82 -0.42 -26.52
N PRO B 184 30.12 -0.15 -26.51
CA PRO B 184 31.03 -0.92 -25.66
C PRO B 184 30.66 -0.80 -24.18
N GLU B 185 30.87 -1.89 -23.45
CA GLU B 185 30.55 -1.94 -22.02
C GLU B 185 31.14 -0.79 -21.21
N PRO B 186 32.41 -0.42 -21.38
CA PRO B 186 32.96 0.69 -20.56
C PRO B 186 32.28 2.03 -20.81
N ASP B 187 31.50 2.18 -21.88
CA ASP B 187 30.84 3.44 -22.19
C ASP B 187 29.42 3.53 -21.67
N ARG B 188 28.85 2.44 -21.15
CA ARG B 188 27.44 2.41 -20.84
C ARG B 188 27.11 3.19 -19.57
N ALA B 189 28.04 3.22 -18.60
CA ALA B 189 27.79 3.93 -17.36
C ALA B 189 27.61 5.42 -17.61
N ALA B 190 28.50 6.02 -18.42
CA ALA B 190 28.38 7.43 -18.75
C ALA B 190 27.11 7.70 -19.54
N PHE B 191 26.65 6.73 -20.33
CA PHE B 191 25.40 6.91 -21.07
C PHE B 191 24.22 7.03 -20.12
N ARG B 192 24.22 6.25 -19.04
CA ARG B 192 23.12 6.30 -18.07
C ARG B 192 23.07 7.65 -17.37
N VAL B 193 24.23 8.24 -17.08
CA VAL B 193 24.27 9.54 -16.42
C VAL B 193 23.61 10.61 -17.28
N TRP B 194 23.84 10.56 -18.60
CA TRP B 194 23.27 11.55 -19.50
C TRP B 194 21.75 11.42 -19.55
N THR B 195 21.24 10.19 -19.67
CA THR B 195 19.79 10.00 -19.74
C THR B 195 19.10 10.45 -18.45
N ASP B 196 19.80 10.37 -17.33
CA ASP B 196 19.22 10.86 -16.08
C ASP B 196 19.14 12.38 -16.06
N ALA B 197 20.07 13.06 -16.74
CA ALA B 197 19.99 14.50 -16.87
C ALA B 197 18.86 14.93 -17.81
N PHE B 198 18.39 14.04 -18.66
CA PHE B 198 17.25 14.36 -19.52
C PHE B 198 15.94 14.33 -18.75
N VAL B 199 15.84 13.49 -17.73
CA VAL B 199 14.61 13.30 -16.97
C VAL B 199 14.57 14.18 -15.73
N PHE B 200 15.61 14.11 -14.90
CA PHE B 200 15.67 14.85 -13.64
C PHE B 200 17.00 15.57 -13.51
N PRO B 201 17.20 16.64 -14.28
CA PRO B 201 18.41 17.44 -14.12
C PRO B 201 18.33 18.36 -12.92
N ASP B 202 19.49 18.59 -12.30
CA ASP B 202 19.56 19.54 -11.18
C ASP B 202 19.23 20.95 -11.65
N ASP B 203 19.56 21.28 -12.89
CA ASP B 203 19.28 22.58 -13.48
C ASP B 203 19.17 22.39 -14.98
N PRO B 204 18.53 23.33 -15.69
CA PRO B 204 18.41 23.19 -17.15
C PRO B 204 19.75 23.10 -17.86
N ALA B 205 20.81 23.73 -17.32
CA ALA B 205 22.11 23.67 -17.97
C ALA B 205 22.69 22.26 -17.95
N GLN B 206 22.37 21.47 -16.92
CA GLN B 206 22.87 20.10 -16.85
C GLN B 206 22.31 19.24 -17.97
N ALA B 207 21.05 19.48 -18.36
CA ALA B 207 20.47 18.72 -19.46
C ALA B 207 21.08 19.11 -20.80
N GLN B 208 21.37 20.40 -20.99
CA GLN B 208 22.00 20.84 -22.23
C GLN B 208 23.40 20.27 -22.35
N THR B 209 24.16 20.24 -21.25
CA THR B 209 25.52 19.69 -21.29
C THR B 209 25.49 18.20 -21.60
N ALA B 210 24.52 17.48 -21.02
CA ALA B 210 24.43 16.05 -21.29
C ALA B 210 24.11 15.77 -22.75
N MET B 211 23.28 16.61 -23.36
CA MET B 211 22.95 16.45 -24.78
C MET B 211 24.17 16.72 -25.66
N ALA B 212 24.94 17.77 -25.34
CA ALA B 212 26.15 18.06 -26.10
C ALA B 212 27.18 16.96 -25.92
N GLU B 213 27.30 16.41 -24.71
CA GLU B 213 28.27 15.35 -24.45
C GLU B 213 27.86 14.05 -25.13
N MET B 214 26.57 13.70 -25.06
CA MET B 214 26.11 12.49 -25.72
C MET B 214 26.23 12.60 -27.24
N SER B 215 25.95 13.79 -27.79
CA SER B 215 26.11 13.99 -29.22
C SER B 215 27.58 13.82 -29.64
N GLY B 216 28.50 14.36 -28.85
CA GLY B 216 29.91 14.19 -29.14
C GLY B 216 30.35 12.74 -29.05
N TYR B 217 29.87 12.02 -28.05
CA TYR B 217 30.23 10.62 -27.91
C TYR B 217 29.68 9.78 -29.06
N LEU B 218 28.42 9.99 -29.41
CA LEU B 218 27.80 9.20 -30.47
C LEU B 218 28.50 9.44 -31.81
N SER B 219 28.89 10.69 -32.08
CA SER B 219 29.64 10.97 -33.30
C SER B 219 30.97 10.24 -33.31
N ARG B 220 31.65 10.19 -32.15
CA ARG B 220 32.90 9.46 -32.06
C ARG B 220 32.67 7.95 -32.18
N LEU B 221 31.61 7.44 -31.53
CA LEU B 221 31.29 6.02 -31.66
C LEU B 221 30.93 5.67 -33.09
N ILE B 222 30.20 6.55 -33.77
CA ILE B 222 29.87 6.31 -35.18
C ILE B 222 31.13 6.23 -36.02
N ASP B 223 32.05 7.18 -35.83
CA ASP B 223 33.29 7.18 -36.60
C ASP B 223 34.15 5.96 -36.28
N SER B 224 34.05 5.43 -35.06
CA SER B 224 34.85 4.29 -34.67
C SER B 224 34.41 3.01 -35.37
N LYS B 225 33.18 2.96 -35.89
CA LYS B 225 32.70 1.80 -36.63
C LYS B 225 33.17 1.79 -38.07
N ARG B 226 33.56 2.94 -38.61
CA ARG B 226 33.88 3.06 -40.03
C ARG B 226 35.02 2.12 -40.42
N GLY B 227 34.76 1.26 -41.41
CA GLY B 227 35.77 0.37 -41.94
C GLY B 227 36.12 -0.80 -41.06
N GLN B 228 35.38 -1.06 -39.98
CA GLN B 228 35.68 -2.16 -39.08
C GLN B 228 34.86 -3.41 -39.37
N ASP B 229 33.96 -3.37 -40.36
CA ASP B 229 33.16 -4.52 -40.77
C ASP B 229 32.34 -5.09 -39.61
N GLY B 230 31.88 -4.24 -38.72
CA GLY B 230 31.04 -4.71 -37.62
C GLY B 230 29.69 -5.20 -38.12
N GLU B 231 29.09 -6.10 -37.34
CA GLU B 231 27.80 -6.68 -37.68
C GLU B 231 26.65 -6.10 -36.85
N ASP B 232 26.95 -5.24 -35.88
CA ASP B 232 25.93 -4.62 -35.07
C ASP B 232 25.09 -3.65 -35.90
N LEU B 233 23.99 -3.18 -35.30
CA LEU B 233 23.06 -2.33 -36.03
C LEU B 233 23.69 -0.98 -36.38
N LEU B 234 24.47 -0.41 -35.46
CA LEU B 234 25.10 0.88 -35.73
C LEU B 234 26.08 0.77 -36.90
N SER B 235 26.89 -0.30 -36.92
CA SER B 235 27.82 -0.50 -38.04
C SER B 235 27.07 -0.59 -39.36
N ALA B 236 25.93 -1.27 -39.38
CA ALA B 236 25.14 -1.37 -40.62
C ALA B 236 24.58 -0.01 -41.01
N LEU B 237 24.17 0.79 -40.03
CA LEU B 237 23.65 2.12 -40.33
C LEU B 237 24.74 3.04 -40.85
N VAL B 238 25.96 2.92 -40.31
CA VAL B 238 27.08 3.72 -40.79
C VAL B 238 27.35 3.42 -42.25
N ARG B 239 27.37 2.13 -42.61
CA ARG B 239 27.59 1.75 -44.00
C ARG B 239 26.45 2.26 -44.89
N THR B 240 25.21 2.13 -44.43
CA THR B 240 24.07 2.64 -45.18
C THR B 240 24.23 4.13 -45.47
N SER B 241 24.59 4.90 -44.44
CA SER B 241 24.77 6.34 -44.62
C SER B 241 25.96 6.66 -45.52
N ASP B 242 27.08 5.95 -45.33
CA ASP B 242 28.26 6.20 -46.14
C ASP B 242 28.02 5.82 -47.60
N GLU B 243 27.22 4.80 -47.86
CA GLU B 243 26.95 4.39 -49.23
C GLU B 243 26.09 5.41 -49.96
N ASP B 244 25.11 5.99 -49.28
CA ASP B 244 24.21 6.95 -49.91
C ASP B 244 23.77 7.94 -48.84
N GLY B 245 24.41 9.12 -48.83
CA GLY B 245 24.05 10.15 -47.88
C GLY B 245 22.64 10.68 -48.05
N SER B 246 22.04 10.49 -49.22
CA SER B 246 20.65 10.90 -49.42
C SER B 246 19.66 9.93 -48.77
N ARG B 247 20.06 8.68 -48.55
CA ARG B 247 19.19 7.73 -47.87
C ARG B 247 19.26 7.89 -46.35
N LEU B 248 20.41 8.28 -45.83
CA LEU B 248 20.59 8.53 -44.40
C LEU B 248 21.73 9.53 -44.26
N THR B 249 21.40 10.77 -43.92
CA THR B 249 22.43 11.80 -43.78
C THR B 249 23.24 11.57 -42.50
N SER B 250 24.36 12.28 -42.40
CA SER B 250 25.19 12.17 -41.20
C SER B 250 24.43 12.66 -39.97
N GLU B 251 23.64 13.72 -40.12
CA GLU B 251 22.80 14.18 -39.02
C GLU B 251 21.76 13.15 -38.65
N GLU B 252 21.14 12.51 -39.65
CA GLU B 252 20.15 11.48 -39.37
C GLU B 252 20.78 10.21 -38.82
N LEU B 253 22.01 9.90 -39.26
CA LEU B 253 22.72 8.77 -38.69
C LEU B 253 22.97 8.97 -37.20
N LEU B 254 23.36 10.19 -36.82
CA LEU B 254 23.49 10.51 -35.40
C LEU B 254 22.14 10.46 -34.70
N GLY B 255 21.10 11.03 -35.31
CA GLY B 255 19.78 11.01 -34.71
C GLY B 255 19.20 9.61 -34.58
N MET B 256 19.56 8.72 -35.50
CA MET B 256 19.10 7.33 -35.43
C MET B 256 19.70 6.62 -34.23
N ALA B 257 21.01 6.73 -34.06
CA ALA B 257 21.70 6.11 -32.93
C ALA B 257 21.14 6.66 -31.61
C11 4AF B 258 18.00 13.89 -25.61
C8 4AF B 258 17.34 13.38 -26.89
O2 4AF B 258 16.18 13.63 -27.12
C7 4AF B 258 18.15 12.53 -27.89
C9 4AF B 258 19.40 12.02 -27.53
C10 4AF B 258 20.12 11.24 -28.44
C6 4AF B 258 17.63 12.28 -29.15
C5 4AF B 258 18.37 11.52 -30.08
C4 4AF B 258 19.60 11.00 -29.72
C3 4AF B 258 20.42 10.15 -30.76
CA 4AF B 258 20.43 8.64 -30.43
C 4AF B 258 19.03 8.16 -30.04
O 4AF B 258 18.82 7.76 -28.84
N 4AF B 258 20.91 7.96 -31.59
N ILE B 259 18.09 8.19 -30.97
CA ILE B 259 16.70 7.86 -30.64
C ILE B 259 16.55 6.37 -30.30
N LEU B 260 17.33 5.51 -30.97
CA LEU B 260 17.23 4.08 -30.67
C LEU B 260 17.78 3.77 -29.29
N LEU B 261 18.77 4.54 -28.83
CA LEU B 261 19.38 4.27 -27.53
C LEU B 261 18.61 4.94 -26.39
N VAL B 262 17.95 6.06 -26.66
CA VAL B 262 17.35 6.87 -25.60
C VAL B 262 15.86 6.57 -25.44
N ALA B 263 15.12 6.45 -26.54
CA ALA B 263 13.67 6.35 -26.46
C ALA B 263 13.22 5.14 -25.66
N GLY B 264 13.97 4.05 -25.70
CA GLY B 264 13.61 2.85 -24.98
C GLY B 264 14.31 2.62 -23.67
N HIS B 265 15.16 3.54 -23.23
CA HIS B 265 15.92 3.33 -22.00
C HIS B 265 15.04 3.59 -20.78
N GLU B 266 14.74 4.86 -20.50
CA GLU B 266 13.97 5.20 -19.30
C GLU B 266 12.56 4.60 -19.33
N THR B 267 12.03 4.29 -20.52
CA THR B 267 10.71 3.69 -20.61
C THR B 267 10.74 2.25 -20.13
N THR B 268 11.66 1.43 -20.68
CA THR B 268 11.73 0.03 -20.28
C THR B 268 12.17 -0.10 -18.83
N VAL B 269 13.10 0.75 -18.39
CA VAL B 269 13.51 0.75 -16.99
C VAL B 269 12.30 0.96 -16.09
N ASN B 270 11.48 1.95 -16.40
CA ASN B 270 10.35 2.29 -15.53
C ASN B 270 9.18 1.34 -15.70
N LEU B 271 9.02 0.70 -16.86
CA LEU B 271 7.98 -0.31 -17.00
C LEU B 271 8.23 -1.46 -16.02
N ILE B 272 9.47 -1.93 -15.94
CA ILE B 272 9.80 -3.01 -15.01
C ILE B 272 9.59 -2.55 -13.58
N ALA B 273 10.04 -1.33 -13.25
CA ALA B 273 9.96 -0.85 -11.88
C ALA B 273 8.52 -0.48 -11.50
N ASN B 274 7.86 0.34 -12.32
CA ASN B 274 6.46 0.68 -12.06
C ASN B 274 5.59 -0.57 -12.04
N GLY B 275 5.86 -1.51 -12.97
CA GLY B 275 5.05 -2.71 -13.04
C GLY B 275 5.23 -3.61 -11.84
N MET B 276 6.46 -3.78 -11.39
CA MET B 276 6.72 -4.59 -10.19
C MET B 276 6.14 -3.90 -8.95
N TYR B 277 6.21 -2.58 -8.89
CA TYR B 277 5.62 -1.86 -7.76
C TYR B 277 4.11 -2.06 -7.73
N ALA B 278 3.45 -1.97 -8.89
CA ALA B 278 2.01 -2.19 -8.94
C ALA B 278 1.66 -3.62 -8.52
N LEU B 279 2.46 -4.60 -8.95
CA LEU B 279 2.19 -5.99 -8.60
C LEU B 279 2.40 -6.24 -7.11
N LEU B 280 3.47 -5.67 -6.54
CA LEU B 280 3.78 -5.90 -5.14
C LEU B 280 2.90 -5.08 -4.20
N SER B 281 2.36 -3.96 -4.67
CA SER B 281 1.43 -3.16 -3.87
C SER B 281 -0.02 -3.62 -4.00
N HIS B 282 -0.27 -4.66 -4.80
CA HIS B 282 -1.59 -5.25 -4.95
C HIS B 282 -1.46 -6.74 -4.68
N PRO B 283 -1.49 -7.15 -3.40
CA PRO B 283 -1.21 -8.56 -3.07
C PRO B 283 -2.17 -9.54 -3.69
N ASP B 284 -3.45 -9.17 -3.86
CA ASP B 284 -4.40 -10.07 -4.51
C ASP B 284 -3.98 -10.38 -5.94
N GLN B 285 -3.38 -9.40 -6.63
CA GLN B 285 -2.92 -9.63 -7.99
C GLN B 285 -1.60 -10.40 -8.00
N LEU B 286 -0.71 -10.10 -7.07
CA LEU B 286 0.52 -10.87 -6.95
C LEU B 286 0.21 -12.34 -6.63
N ALA B 287 -0.83 -12.58 -5.84
CA ALA B 287 -1.20 -13.95 -5.51
C ALA B 287 -1.74 -14.69 -6.72
N ALA B 288 -2.62 -14.03 -7.49
CA ALA B 288 -3.22 -14.67 -8.65
C ALA B 288 -2.16 -14.98 -9.72
N LEU B 289 -1.20 -14.07 -9.90
CA LEU B 289 -0.15 -14.30 -10.89
C LEU B 289 0.76 -15.45 -10.47
N ARG B 290 1.18 -15.46 -9.20
CA ARG B 290 2.04 -16.53 -8.71
C ARG B 290 1.36 -17.88 -8.80
N ALA B 291 0.05 -17.93 -8.58
CA ALA B 291 -0.68 -19.19 -8.64
C ALA B 291 -0.98 -19.64 -10.06
N ASP B 292 -0.89 -18.74 -11.04
CA ASP B 292 -1.18 -19.09 -12.44
C ASP B 292 -0.30 -18.20 -13.32
N MET B 293 0.92 -18.67 -13.59
CA MET B 293 1.88 -17.89 -14.35
C MET B 293 1.49 -17.69 -15.82
N THR B 294 0.46 -18.39 -16.30
CA THR B 294 -0.04 -18.13 -17.65
C THR B 294 -0.70 -16.76 -17.78
N LEU B 295 -0.96 -16.08 -16.66
CA LEU B 295 -1.46 -14.72 -16.66
C LEU B 295 -0.37 -13.68 -16.81
N LEU B 296 0.87 -14.11 -17.10
CA LEU B 296 2.00 -13.19 -17.10
C LEU B 296 1.86 -12.12 -18.17
N ASP B 297 1.58 -12.53 -19.41
CA ASP B 297 1.51 -11.56 -20.50
C ASP B 297 0.42 -10.53 -20.27
N GLY B 298 -0.76 -10.98 -19.82
CA GLY B 298 -1.81 -10.04 -19.48
C GLY B 298 -1.43 -9.12 -18.33
N ALA B 299 -0.65 -9.63 -17.38
CA ALA B 299 -0.21 -8.81 -16.26
C ALA B 299 0.69 -7.67 -16.75
N VAL B 300 1.60 -7.98 -17.68
CA VAL B 300 2.49 -6.95 -18.21
C VAL B 300 1.68 -5.91 -18.98
N GLU B 301 0.64 -6.34 -19.69
CA GLU B 301 -0.21 -5.40 -20.41
C GLU B 301 -0.94 -4.48 -19.44
N GLU B 302 -1.40 -5.02 -18.31
CA GLU B 302 -2.06 -4.17 -17.32
C GLU B 302 -1.06 -3.25 -16.62
N MET B 303 0.19 -3.69 -16.48
CA MET B 303 1.22 -2.80 -15.95
C MET B 303 1.39 -1.59 -16.85
N LEU B 304 1.40 -1.80 -18.17
CA LEU B 304 1.45 -0.69 -19.12
C LEU B 304 0.22 0.19 -19.00
N ARG B 305 -0.95 -0.43 -18.85
CA ARG B 305 -2.19 0.33 -18.72
C ARG B 305 -2.23 1.11 -17.40
N TYR B 306 -1.94 0.42 -16.30
CA TYR B 306 -2.16 0.99 -14.97
C TYR B 306 -1.08 2.03 -14.62
N GLU B 307 0.20 1.67 -14.77
CA GLU B 307 1.30 2.55 -14.37
C GLU B 307 2.38 2.57 -15.46
N GLY B 308 2.00 2.96 -16.66
CA GLY B 308 2.94 3.05 -17.77
C GLY B 308 3.99 4.11 -17.53
N PRO B 309 5.19 3.91 -18.10
CA PRO B 309 6.26 4.89 -17.90
C PRO B 309 6.06 6.20 -18.64
N VAL B 310 5.26 6.23 -19.70
CA VAL B 310 5.03 7.44 -20.47
C VAL B 310 3.78 8.11 -19.92
N GLU B 311 3.98 9.13 -19.08
CA GLU B 311 2.86 9.90 -18.54
C GLU B 311 2.18 10.72 -19.63
N SER B 312 2.98 11.39 -20.45
CA SER B 312 2.49 12.19 -21.57
C SER B 312 3.37 11.93 -22.78
N ALA B 313 2.76 11.88 -23.95
CA ALA B 313 3.51 11.62 -25.18
C ALA B 313 4.43 12.80 -25.50
N THR B 314 5.30 12.59 -26.48
CA THR B 314 6.29 13.60 -26.83
C THR B 314 5.65 14.74 -27.62
N TYR B 315 6.44 15.79 -27.84
CA TYR B 315 5.91 17.06 -28.31
C TYR B 315 5.21 16.93 -29.66
N ARG B 316 4.01 17.49 -29.74
CA ARG B 316 3.26 17.62 -30.98
C ARG B 316 2.95 19.10 -31.23
N PHE B 317 2.91 19.48 -32.50
CA PHE B 317 2.68 20.87 -32.89
C PHE B 317 1.61 20.90 -33.98
N PRO B 318 0.49 21.57 -33.77
CA PRO B 318 -0.47 21.75 -34.87
C PRO B 318 0.14 22.59 -35.98
N VAL B 319 0.11 22.06 -37.20
CA VAL B 319 0.62 22.80 -38.35
C VAL B 319 -0.21 24.06 -38.57
N GLU B 320 -1.53 23.91 -38.53
CA GLU B 320 -2.48 25.01 -38.59
C GLU B 320 -3.33 24.95 -37.34
N PRO B 321 -4.10 26.00 -37.01
CA PRO B 321 -4.94 25.94 -35.80
C PRO B 321 -5.87 24.74 -35.85
N VAL B 322 -6.08 24.12 -34.68
CA VAL B 322 -6.90 22.93 -34.55
C VAL B 322 -8.02 23.23 -33.56
N ASP B 323 -9.25 23.02 -33.99
CA ASP B 323 -10.42 23.19 -33.13
C ASP B 323 -10.76 21.85 -32.48
N LEU B 324 -10.57 21.76 -31.17
CA LEU B 324 -10.84 20.56 -30.39
C LEU B 324 -12.07 20.82 -29.52
N ASP B 325 -13.25 20.51 -30.07
CA ASP B 325 -14.51 20.63 -29.33
C ASP B 325 -14.70 22.04 -28.77
N GLY B 326 -14.47 23.04 -29.62
CA GLY B 326 -14.61 24.43 -29.23
C GLY B 326 -13.35 25.07 -28.67
N THR B 327 -12.36 24.27 -28.27
CA THR B 327 -11.09 24.80 -27.79
C THR B 327 -10.12 24.90 -28.96
N VAL B 328 -9.65 26.12 -29.22
CA VAL B 328 -8.78 26.37 -30.36
C VAL B 328 -7.33 26.29 -29.88
N ILE B 329 -6.58 25.35 -30.45
CA ILE B 329 -5.16 25.20 -30.17
C ILE B 329 -4.38 25.89 -31.28
N PRO B 330 -3.69 26.99 -31.01
CA PRO B 330 -3.02 27.73 -32.10
C PRO B 330 -1.88 26.93 -32.72
N ALA B 331 -1.61 27.26 -33.98
CA ALA B 331 -0.52 26.60 -34.70
C ALA B 331 0.81 26.90 -34.03
N GLY B 332 1.68 25.89 -33.99
CA GLY B 332 3.00 26.02 -33.42
C GLY B 332 3.10 25.80 -31.93
N ASP B 333 1.98 25.68 -31.22
CA ASP B 333 2.02 25.45 -29.80
C ASP B 333 2.41 24.00 -29.49
N THR B 334 2.91 23.79 -28.28
CA THR B 334 3.33 22.46 -27.84
C THR B 334 2.16 21.73 -27.20
N VAL B 335 1.89 20.52 -27.69
CA VAL B 335 0.75 19.72 -27.24
C VAL B 335 1.27 18.42 -26.66
N LEU B 336 0.84 18.11 -25.44
CA LEU B 336 1.18 16.87 -24.76
C LEU B 336 -0.08 16.03 -24.62
N VAL B 337 -0.07 14.84 -25.22
CA VAL B 337 -1.17 13.89 -25.06
C VAL B 337 -0.94 13.11 -23.77
N VAL B 338 -1.86 13.27 -22.81
CA VAL B 338 -1.69 12.70 -21.47
C VAL B 338 -2.18 11.27 -21.51
N LEU B 339 -1.26 10.34 -21.82
CA LEU B 339 -1.61 8.93 -21.85
C LEU B 339 -2.07 8.43 -20.48
N ALA B 340 -1.54 9.01 -19.40
CA ALA B 340 -1.92 8.58 -18.06
C ALA B 340 -3.41 8.78 -17.81
N ASP B 341 -3.96 9.90 -18.31
CA ASP B 341 -5.39 10.15 -18.13
C ASP B 341 -6.24 9.30 -19.07
N ALA B 342 -5.73 9.02 -20.27
CA ALA B 342 -6.45 8.15 -21.19
C ALA B 342 -6.66 6.76 -20.58
N HIS B 343 -5.68 6.28 -19.83
CA HIS B 343 -5.78 4.97 -19.20
C HIS B 343 -6.65 4.97 -17.94
N ARG B 344 -7.03 6.14 -17.44
CA ARG B 344 -7.93 6.25 -16.30
C ARG B 344 -9.33 6.69 -16.70
N THR B 345 -9.61 6.76 -18.00
CA THR B 345 -10.95 7.10 -18.45
C THR B 345 -11.89 5.93 -18.20
N PRO B 346 -12.91 6.08 -17.35
CA PRO B 346 -13.73 4.91 -16.99
C PRO B 346 -14.56 4.38 -18.13
N GLU B 347 -14.94 5.22 -19.09
CA GLU B 347 -15.75 4.76 -20.21
C GLU B 347 -14.99 3.76 -21.07
N ARG B 348 -13.66 3.86 -21.10
CA ARG B 348 -12.83 2.94 -21.89
C ARG B 348 -12.26 1.80 -21.05
N PHE B 349 -11.90 2.07 -19.79
CA PHE B 349 -11.38 1.06 -18.89
C PHE B 349 -12.19 1.11 -17.59
N PRO B 350 -13.22 0.27 -17.49
CA PRO B 350 -14.08 0.32 -16.29
C PRO B 350 -13.30 0.03 -15.03
N ASP B 351 -13.68 0.69 -13.94
CA ASP B 351 -12.94 0.65 -12.69
C ASP B 351 -11.47 0.97 -12.94
N PRO B 352 -11.16 2.17 -13.44
CA PRO B 352 -9.82 2.41 -13.99
C PRO B 352 -8.71 2.40 -12.94
N HIS B 353 -9.03 2.75 -11.70
CA HIS B 353 -8.01 2.79 -10.66
C HIS B 353 -7.74 1.42 -10.05
N ARG B 354 -8.39 0.37 -10.54
CA ARG B 354 -8.13 -0.99 -10.07
C ARG B 354 -7.05 -1.63 -10.93
N PHE B 355 -6.02 -2.18 -10.28
CA PHE B 355 -5.01 -2.96 -10.97
C PHE B 355 -5.53 -4.39 -11.10
N ASP B 356 -5.85 -4.79 -12.33
CA ASP B 356 -6.46 -6.09 -12.61
C ASP B 356 -5.75 -6.71 -13.80
N ILE B 357 -4.93 -7.73 -13.53
CA ILE B 357 -4.16 -8.38 -14.59
C ILE B 357 -5.02 -9.22 -15.52
N ARG B 358 -6.29 -9.44 -15.19
CA ARG B 358 -7.20 -10.20 -16.03
C ARG B 358 -8.14 -9.31 -16.83
N ARG B 359 -8.04 -7.99 -16.68
CA ARG B 359 -8.93 -7.08 -17.39
C ARG B 359 -8.58 -7.04 -18.88
N ASP B 360 -9.49 -6.47 -19.66
CA ASP B 360 -9.27 -6.26 -21.09
C ASP B 360 -8.41 -5.02 -21.26
N THR B 361 -7.15 -5.24 -21.65
CA THR B 361 -6.19 -4.15 -21.84
C THR B 361 -6.08 -3.70 -23.29
N ALA B 362 -6.83 -4.32 -24.19
CA ALA B 362 -6.73 -4.00 -25.62
C ALA B 362 -7.06 -2.53 -25.85
N GLY B 363 -6.19 -1.85 -26.59
CA GLY B 363 -6.39 -0.47 -26.94
C GLY B 363 -5.71 0.55 -26.04
N HIS B 364 -4.84 0.11 -25.13
CA HIS B 364 -4.11 1.08 -24.33
C HIS B 364 -3.07 1.80 -25.20
N LEU B 365 -2.69 3.00 -24.78
CA LEU B 365 -1.81 3.87 -25.54
C LEU B 365 -0.40 3.94 -24.94
N ALA B 366 -0.01 2.93 -24.16
CA ALA B 366 1.30 2.97 -23.51
C ALA B 366 2.44 3.00 -24.53
N PHE B 367 2.22 2.42 -25.71
CA PHE B 367 3.18 2.45 -26.80
C PHE B 367 2.81 3.46 -27.88
N GLY B 368 1.88 4.37 -27.59
CA GLY B 368 1.45 5.33 -28.59
C GLY B 368 0.41 4.74 -29.53
N HIS B 369 0.21 5.43 -30.64
CA HIS B 369 -0.77 5.04 -31.65
C HIS B 369 -0.55 5.88 -32.89
N GLY B 370 -0.64 5.24 -34.05
CA GLY B 370 -0.40 5.91 -35.32
C GLY B 370 0.95 5.55 -35.91
N ILE B 371 1.41 6.42 -36.82
CA ILE B 371 2.66 6.15 -37.52
C ILE B 371 3.86 6.15 -36.58
N HIS B 372 3.77 6.81 -35.43
CA HIS B 372 4.85 6.85 -34.47
C HIS B 372 4.75 5.77 -33.40
N PHE B 373 3.85 4.80 -33.58
CA PHE B 373 3.72 3.69 -32.64
C PHE B 373 5.08 3.05 -32.36
N CYS B 374 5.32 2.74 -31.09
CA CYS B 374 6.65 2.36 -30.62
C CYS B 374 7.23 1.20 -31.44
N ILE B 375 8.39 1.45 -32.06
CA ILE B 375 9.06 0.43 -32.85
C ILE B 375 9.66 -0.66 -31.97
N GLY B 376 9.92 -0.35 -30.70
CA GLY B 376 10.52 -1.30 -29.77
C GLY B 376 9.53 -2.08 -28.92
N ALA B 377 8.23 -2.04 -29.25
CA ALA B 377 7.23 -2.70 -28.41
C ALA B 377 7.48 -4.19 -28.27
N PRO B 378 7.78 -4.96 -29.33
CA PRO B 378 8.10 -6.38 -29.10
C PRO B 378 9.31 -6.60 -28.22
N LEU B 379 10.34 -5.76 -28.37
CA LEU B 379 11.53 -5.91 -27.53
C LEU B 379 11.24 -5.53 -26.09
N ALA B 380 10.49 -4.44 -25.88
CA ALA B 380 10.14 -4.03 -24.52
C ALA B 380 9.30 -5.10 -23.83
N ARG B 381 8.33 -5.67 -24.54
CA ARG B 381 7.50 -6.72 -23.95
C ARG B 381 8.33 -7.95 -23.63
N LEU B 382 9.27 -8.31 -24.50
CA LEU B 382 10.12 -9.47 -24.25
C LEU B 382 10.93 -9.27 -22.96
N GLU B 383 11.55 -8.10 -22.81
CA GLU B 383 12.37 -7.85 -21.63
C GLU B 383 11.53 -7.87 -20.36
N ALA B 384 10.39 -7.17 -20.38
CA ALA B 384 9.55 -7.10 -19.18
C ALA B 384 8.99 -8.47 -18.82
N ARG B 385 8.53 -9.23 -19.81
CA ARG B 385 7.96 -10.54 -19.54
C ARG B 385 8.98 -11.47 -18.90
N ILE B 386 10.22 -11.45 -19.40
CA ILE B 386 11.26 -12.31 -18.84
C ILE B 386 11.68 -11.82 -17.46
N ALA B 387 11.74 -10.50 -17.27
CA ALA B 387 12.16 -9.95 -15.98
C ALA B 387 11.13 -10.25 -14.90
N VAL B 388 9.84 -10.02 -15.19
CA VAL B 388 8.81 -10.23 -14.19
C VAL B 388 8.72 -11.71 -13.82
N ARG B 389 8.78 -12.60 -14.81
CA ARG B 389 8.69 -14.02 -14.53
C ARG B 389 9.87 -14.50 -13.70
N ALA B 390 11.07 -13.99 -13.99
CA ALA B 390 12.24 -14.41 -13.24
C ALA B 390 12.17 -13.96 -11.79
N LEU B 391 11.64 -12.76 -11.54
CA LEU B 391 11.54 -12.26 -10.17
C LEU B 391 10.53 -13.08 -9.36
N LEU B 392 9.41 -13.46 -9.98
CA LEU B 392 8.37 -14.18 -9.24
C LEU B 392 8.77 -15.63 -8.98
N GLU B 393 9.52 -16.25 -9.91
CA GLU B 393 9.87 -17.65 -9.79
C GLU B 393 11.11 -17.88 -8.93
N ARG B 394 12.01 -16.89 -8.84
CA ARG B 394 13.28 -17.08 -8.16
C ARG B 394 13.41 -16.29 -6.86
N CYS B 395 12.49 -15.36 -6.58
CA CYS B 395 12.49 -14.62 -5.32
C CYS B 395 11.29 -15.08 -4.50
N PRO B 396 11.43 -16.11 -3.67
CA PRO B 396 10.29 -16.60 -2.89
C PRO B 396 9.84 -15.56 -1.87
N ASP B 397 8.52 -15.42 -1.74
CA ASP B 397 7.91 -14.44 -0.83
C ASP B 397 8.40 -13.03 -1.12
N LEU B 398 8.58 -12.72 -2.40
CA LEU B 398 9.02 -11.38 -2.79
C LEU B 398 8.00 -10.34 -2.35
N ALA B 399 8.49 -9.25 -1.79
CA ALA B 399 7.62 -8.20 -1.26
C ALA B 399 8.36 -6.87 -1.26
N LEU B 400 7.57 -5.80 -1.16
CA LEU B 400 8.14 -4.46 -1.05
C LEU B 400 8.87 -4.32 0.28
N ASP B 401 10.09 -3.79 0.24
CA ASP B 401 10.89 -3.54 1.43
C ASP B 401 10.82 -2.08 1.86
N VAL B 402 9.68 -1.43 1.65
CA VAL B 402 9.52 -0.02 1.98
C VAL B 402 8.04 0.30 1.96
N SER B 403 7.66 1.38 2.66
CA SER B 403 6.26 1.78 2.57
C SER B 403 6.06 2.70 1.38
N PRO B 404 4.86 2.69 0.78
CA PRO B 404 4.60 3.57 -0.36
C PRO B 404 4.82 5.05 -0.06
N GLY B 405 4.74 5.46 1.20
CA GLY B 405 5.01 6.84 1.56
C GLY B 405 6.48 7.22 1.44
N GLU B 406 7.39 6.24 1.48
CA GLU B 406 8.81 6.52 1.34
C GLU B 406 9.28 6.54 -0.10
N LEU B 407 8.48 6.02 -1.03
CA LEU B 407 8.85 6.06 -2.43
C LEU B 407 8.74 7.48 -2.98
N VAL B 408 9.65 7.82 -3.89
CA VAL B 408 9.74 9.16 -4.46
C VAL B 408 9.58 9.05 -5.97
N TRP B 409 8.60 9.79 -6.51
CA TRP B 409 8.34 9.84 -7.94
C TRP B 409 8.99 11.07 -8.55
N TYR B 410 9.60 10.90 -9.72
CA TYR B 410 10.21 12.02 -10.40
C TYR B 410 9.14 12.97 -10.94
N PRO B 411 9.38 14.27 -10.93
CA PRO B 411 8.34 15.24 -11.33
C PRO B 411 8.27 15.53 -12.82
N ASN B 412 8.88 14.72 -13.68
CA ASN B 412 8.81 14.97 -15.11
C ASN B 412 7.39 14.74 -15.61
N PRO B 413 6.82 15.67 -16.37
CA PRO B 413 5.45 15.47 -16.87
C PRO B 413 5.36 14.44 -17.98
N MET B 414 6.48 14.09 -18.61
CA MET B 414 6.50 13.11 -19.69
C MET B 414 6.72 11.69 -19.19
N ILE B 415 7.39 11.53 -18.05
CA ILE B 415 7.84 10.23 -17.57
C ILE B 415 7.25 9.96 -16.20
N ARG B 416 6.78 8.73 -15.99
CA ARG B 416 6.33 8.25 -14.69
C ARG B 416 7.32 7.20 -14.21
N GLY B 417 8.12 7.54 -13.20
CA GLY B 417 9.15 6.64 -12.74
C GLY B 417 9.56 6.91 -11.31
N LEU B 418 10.09 5.88 -10.67
CA LEU B 418 10.52 5.95 -9.29
C LEU B 418 12.01 6.20 -9.19
N LYS B 419 12.43 6.81 -8.08
CA LYS B 419 13.85 7.00 -7.82
C LYS B 419 14.52 5.69 -7.41
N ALA B 420 13.79 4.86 -6.67
CA ALA B 420 14.29 3.55 -6.25
C ALA B 420 13.10 2.67 -5.88
N LEU B 421 13.34 1.36 -5.87
CA LEU B 421 12.31 0.39 -5.50
C LEU B 421 12.93 -0.67 -4.60
N PRO B 422 13.04 -0.40 -3.30
CA PRO B 422 13.58 -1.41 -2.37
C PRO B 422 12.64 -2.60 -2.27
N ILE B 423 13.20 -3.80 -2.47
CA ILE B 423 12.45 -5.04 -2.40
C ILE B 423 13.15 -6.00 -1.46
N ARG B 424 12.46 -7.07 -1.09
CA ARG B 424 13.01 -8.08 -0.21
C ARG B 424 12.38 -9.43 -0.54
N TRP B 425 13.09 -10.50 -0.19
CA TRP B 425 12.64 -11.85 -0.46
C TRP B 425 13.15 -12.77 0.63
N ARG B 426 12.77 -14.04 0.54
CA ARG B 426 13.20 -15.05 1.51
C ARG B 426 14.26 -15.97 0.89
CHA HEM C . -8.06 -7.33 29.63
CHB HEM C . -6.79 -7.74 25.03
CHC HEM C . -10.70 -10.42 24.22
CHD HEM C . -12.31 -9.35 28.61
C1A HEM C . -7.35 -7.21 28.46
C2A HEM C . -6.08 -6.51 28.32
C3A HEM C . -5.71 -6.63 27.03
C4A HEM C . -6.77 -7.40 26.37
CMA HEM C . -4.48 -6.09 26.35
CAA HEM C . -5.33 -5.83 29.42
CBA HEM C . -5.43 -4.30 29.27
CGA HEM C . -4.52 -3.45 30.13
O1A HEM C . -4.69 -2.21 30.13
O2A HEM C . -3.74 -4.04 30.91
C1B HEM C . -7.71 -8.51 24.39
C2B HEM C . -7.64 -8.89 23.00
C3B HEM C . -8.75 -9.64 22.77
C4B HEM C . -9.49 -9.72 24.01
CMB HEM C . -6.53 -8.48 22.06
CAB HEM C . -9.23 -10.32 21.54
CBB HEM C . -8.91 -10.09 20.28
C1C HEM C . -11.55 -10.35 25.32
C2C HEM C . -12.89 -10.90 25.41
C3C HEM C . -13.34 -10.59 26.67
C4C HEM C . -12.26 -9.85 27.32
CMC HEM C . -13.60 -11.65 24.32
CAC HEM C . -14.63 -10.89 27.32
CBC HEM C . -15.07 -12.07 27.76
C1D HEM C . -11.29 -8.70 29.31
C2D HEM C . -11.38 -8.25 30.68
C3D HEM C . -10.18 -7.68 30.97
C4D HEM C . -9.36 -7.78 29.77
CMD HEM C . -12.57 -8.40 31.58
CAD HEM C . -9.78 -7.06 32.26
CBD HEM C . -9.03 -8.20 33.01
CGD HEM C . -8.52 -7.77 34.31
O1D HEM C . -8.37 -6.52 34.52
O2D HEM C . -8.16 -8.69 35.10
NA HEM C . -7.74 -7.74 27.27
NB HEM C . -8.84 -9.03 24.97
NC HEM C . -11.22 -9.74 26.48
ND HEM C . -10.05 -8.40 28.80
FE HEM C . -9.45 -8.80 26.94
C1 PXI D . -9.38 -4.93 26.48
C2 PXI D . -9.49 -3.51 26.98
C3 PXI D . -10.45 -2.65 26.20
O1 PXI D . -10.43 -1.31 26.76
C4 PXI D . -11.56 -0.81 27.29
O2 PXI D . -12.57 -1.46 27.40
C5 PXI D . -11.39 0.62 27.77
C6 PXI D . -11.17 0.61 29.29
C7 PXI D . -12.51 1.65 27.34
O3 PXI D . -11.72 2.86 27.58
C8 PXI D . -12.34 4.11 27.74
O4 PXI D . -13.61 4.19 27.16
C9 PXI D . -14.04 5.56 27.11
C10 PXI D . -15.38 5.57 26.43
C11 PXI D . -14.05 6.21 28.48
C12 PXI D . -12.72 5.97 29.21
N1 PXI D . -12.52 6.61 30.51
C13 PXI D . -13.57 7.55 30.86
C14 PXI D . -11.23 7.30 30.49
C15 PXI D . -12.47 4.47 29.21
O5 PXI D . -11.30 4.14 29.94
C16 PXI D . -12.94 1.41 25.90
C17 PXI D . -14.44 1.29 25.81
C18 PXI D . -12.43 2.48 24.91
C19 PXI D . -11.57 2.00 23.74
C20 PXI D . -11.67 2.92 22.52
C21 PXI D . -11.91 0.58 23.31
O6 PXI D . -12.96 0.32 22.76
C22 PXI D . -10.90 -0.42 23.58
C23 PXI D . -11.15 -1.63 24.04
C24 PXI D . -10.14 -2.52 24.71
C25 PXI D . -8.76 -1.95 24.47
C1 GOL E . -34.32 -3.11 29.15
O1 GOL E . -34.78 -1.90 28.62
C2 GOL E . -34.66 -4.26 28.20
O2 GOL E . -34.34 -3.88 26.89
C3 GOL E . -33.85 -5.49 28.59
O3 GOL E . -34.02 -6.49 27.61
C1 PEG F . -11.12 -1.63 47.99
O1 PEG F . -10.98 -0.48 47.19
C2 PEG F . -12.59 -1.89 48.29
O2 PEG F . -12.96 -3.14 47.79
C3 PEG F . -12.82 -4.18 48.70
C4 PEG F . -11.77 -5.17 48.20
O4 PEG F . -12.28 -6.47 48.21
C1 PEG G . -14.84 -16.43 44.40
O1 PEG G . -15.18 -15.25 45.04
C2 PEG G . -16.02 -16.93 43.57
O2 PEG G . -17.10 -17.23 44.41
C3 PEG G . -18.20 -17.78 43.75
C4 PEG G . -18.91 -16.67 42.97
O4 PEG G . -19.54 -15.80 43.87
CHA HEM H . 8.08 5.50 -29.82
CHB HEM H . 6.74 3.96 -25.49
CHC HEM H . 10.33 0.76 -25.56
CHD HEM H . 12.13 2.93 -29.45
C1A HEM H . 7.36 5.36 -28.67
C2A HEM H . 6.15 6.10 -28.30
C3A HEM H . 5.78 5.67 -27.10
C4A HEM H . 6.76 4.66 -26.70
CMA HEM H . 4.61 6.10 -26.26
CAA HEM H . 5.49 7.11 -29.18
CBA HEM H . 5.66 8.53 -28.58
CGA HEM H . 4.80 9.62 -29.16
O1A HEM H . 5.04 10.81 -28.85
O2A HEM H . 3.99 9.31 -30.08
C1B HEM H . 7.57 2.94 -25.12
C2B HEM H . 7.43 2.19 -23.89
C3B HEM H . 8.46 1.29 -23.91
C4B HEM H . 9.19 1.49 -25.14
CMB HEM H . 6.36 2.43 -22.86
CAB HEM H . 8.86 0.23 -22.95
CBB HEM H . 8.35 -0.06 -21.77
C1C HEM H . 11.20 1.07 -26.59
C2C HEM H . 12.49 0.45 -26.86
C3C HEM H . 13.00 1.07 -27.95
C4C HEM H . 12.01 2.06 -28.36
CMC HEM H . 13.10 -0.66 -26.03
CAC HEM H . 14.27 0.84 -28.67
CBC HEM H . 14.47 0.25 -29.84
C1D HEM H . 11.18 3.83 -29.93
C2D HEM H . 11.34 4.64 -31.12
C3D HEM H . 10.18 5.36 -31.23
C4D HEM H . 9.34 5.00 -30.10
CMD HEM H . 12.52 4.65 -32.02
CAD HEM H . 9.87 6.35 -32.28
CBD HEM H . 8.97 5.60 -33.31
CGD HEM H . 8.59 6.46 -34.43
O1D HEM H . 8.61 7.72 -34.28
O2D HEM H . 8.23 5.86 -35.49
NA HEM H . 7.69 4.49 -27.67
NB HEM H . 8.63 2.50 -25.84
NC HEM H . 10.96 2.02 -27.53
ND HEM H . 9.96 4.08 -29.34
FE HEM H . 9.30 3.21 -27.67
C1 PXI I . 9.44 6.85 -26.09
C2 PXI I . 9.76 8.32 -26.27
C3 PXI I . 10.73 8.87 -25.25
O1 PXI I . 10.82 10.31 -25.45
C4 PXI I . 12.00 10.83 -25.86
O2 PXI I . 12.95 10.16 -26.15
C5 PXI I . 11.96 12.34 -25.92
C6 PXI I . 11.79 12.77 -27.39
C7 PXI I . 13.13 13.09 -25.20
O3 PXI I . 12.47 14.39 -25.14
C8 PXI I . 13.19 15.57 -24.88
O4 PXI I . 14.48 15.35 -24.36
C9 PXI I . 15.04 16.59 -23.88
C10 PXI I . 16.37 16.25 -23.28
C11 PXI I . 15.10 17.64 -24.96
C12 PXI I . 13.75 17.78 -25.68
N1 PXI I . 13.62 18.80 -26.73
C13 PXI I . 14.78 19.67 -26.81
C14 PXI I . 12.43 19.59 -26.48
C15 PXI I . 13.33 16.39 -26.15
O5 PXI I . 12.11 16.44 -26.88
C16 PXI I . 13.48 12.47 -23.86
C17 PXI I . 14.97 12.21 -23.78
C18 PXI I . 13.00 13.28 -22.64
C19 PXI I . 12.09 12.56 -21.63
C20 PXI I . 12.22 13.16 -20.23
C21 PXI I . 12.33 11.07 -21.56
O6 PXI I . 13.35 10.60 -21.11
C22 PXI I . 11.24 10.24 -22.07
C23 PXI I . 11.39 9.20 -22.87
C24 PXI I . 10.34 8.66 -23.78
C25 PXI I . 9.02 9.33 -23.44
C1 PEG J . 14.35 16.76 -45.27
O1 PEG J . 14.88 17.15 -44.04
C2 PEG J . 14.19 15.25 -45.32
O2 PEG J . 13.16 14.90 -46.19
C3 PEG J . 13.47 13.80 -47.01
C4 PEG J . 12.19 13.08 -47.41
O4 PEG J . 12.27 11.74 -46.98
C1 GOL K . 34.52 3.55 -28.71
O1 GOL K . 34.37 2.76 -27.57
C2 GOL K . 34.07 4.98 -28.38
O2 GOL K . 34.46 5.29 -27.07
C3 GOL K . 34.73 5.95 -29.35
O3 GOL K . 34.68 7.24 -28.81
C1 GOL L . -0.84 -1.73 -28.15
O1 GOL L . -0.51 -3.02 -28.62
C2 GOL L . -2.13 -1.80 -27.34
O2 GOL L . -3.23 -1.64 -28.20
C3 GOL L . -2.24 -3.16 -26.66
O3 GOL L . -3.42 -3.21 -25.90
C1 GOL M . 20.56 -2.24 -42.93
O1 GOL M . 21.12 -3.51 -42.71
C2 GOL M . 20.66 -1.42 -41.65
O2 GOL M . 20.64 -0.06 -41.97
C3 GOL M . 19.48 -1.74 -40.74
O3 GOL M . 18.94 -2.99 -41.07
#